data_7ZGS
#
_entry.id   7ZGS
#
_cell.length_a   86.850
_cell.length_b   104.368
_cell.length_c   87.048
_cell.angle_alpha   90.000
_cell.angle_beta   117.525
_cell.angle_gamma   90.000
#
_symmetry.space_group_name_H-M   'P 1 21 1'
#
loop_
_entity.id
_entity.type
_entity.pdbx_description
1 polymer 'Aspartate carbamoyltransferase'
2 non-polymer 3-PHENYLPROPYLAMINE
3 non-polymer 'SODIUM ION'
4 non-polymer 'SULFATE ION'
5 water water
#
_entity_poly.entity_id   1
_entity_poly.type   'polypeptide(L)'
_entity_poly.pdbx_seq_one_letter_code
;MFYINSKYKIDLDKIMTKMKNKSVINIDDVDDEELLAILYTSKQFEKILKNNEDSKYLENKVFCSVFLEPSTRTRCSFDA
AILKLGSKVLNITDMNSTSFYKGETVEDAFKILSTYVDGIIYRDPSKKNVDIAVSSSSKPIINAGNGTGEHPTQSLLDFY
TIHNYFPFILDRNINKKLNIAFVGDLKNGRTVHSLSKLLSRYNVSFNFVSCKSLNIPKDIVNTITYNLKKNNFYSDDSIK
YFDNLEEGLEDVHIIYMTRIQKERFTDVDEYNQYKNAFILSNKTLENTRDDTKILHPLPRVNEIKVEVDSNPKSVYFTQA
ENGLYVRMALLYLIFSSTSSAWSHPQFEK
;
_entity_poly.pdbx_strand_id   A,B,C
#
# COMPACT_ATOMS: atom_id res chain seq x y z
N TYR A 3 21.52 -25.41 -17.17
CA TYR A 3 20.15 -25.38 -16.56
C TYR A 3 19.45 -26.72 -16.77
N ILE A 4 19.20 -27.45 -15.69
CA ILE A 4 18.78 -28.88 -15.72
C ILE A 4 17.72 -29.08 -14.63
N ASN A 5 16.81 -30.07 -14.78
CA ASN A 5 15.96 -30.60 -13.67
C ASN A 5 16.46 -32.02 -13.28
N SER A 6 17.79 -32.16 -13.15
CA SER A 6 18.56 -33.43 -13.08
C SER A 6 18.70 -34.09 -14.46
N LYS A 7 17.57 -34.26 -15.18
CA LYS A 7 17.45 -35.08 -16.42
C LYS A 7 17.18 -34.19 -17.66
N TYR A 8 16.35 -33.14 -17.55
CA TYR A 8 15.94 -32.25 -18.69
C TYR A 8 16.74 -30.94 -18.67
N LYS A 9 17.39 -30.64 -19.80
CA LYS A 9 18.14 -29.39 -20.06
C LYS A 9 17.15 -28.34 -20.57
N ILE A 10 17.20 -27.14 -20.00
CA ILE A 10 16.21 -26.03 -20.20
C ILE A 10 16.96 -24.85 -20.83
N ASP A 11 16.58 -24.39 -22.02
CA ASP A 11 17.10 -23.11 -22.58
C ASP A 11 16.21 -21.98 -22.07
N LEU A 12 16.53 -21.48 -20.87
CA LEU A 12 15.80 -20.40 -20.17
C LEU A 12 15.82 -19.13 -21.02
N ASP A 13 16.95 -18.84 -21.68
CA ASP A 13 17.04 -17.71 -22.63
C ASP A 13 15.93 -17.86 -23.66
N LYS A 14 15.88 -19.00 -24.35
CA LYS A 14 14.94 -19.25 -25.47
C LYS A 14 13.52 -19.20 -24.89
N ILE A 15 13.26 -19.82 -23.75
CA ILE A 15 11.87 -19.90 -23.20
C ILE A 15 11.41 -18.52 -22.68
N MET A 16 12.32 -17.68 -22.20
CA MET A 16 11.99 -16.31 -21.70
C MET A 16 11.65 -15.38 -22.89
N THR A 17 12.40 -15.46 -24.01
CA THR A 17 12.13 -14.73 -25.28
C THR A 17 10.68 -14.97 -25.70
N LYS A 18 10.21 -16.21 -25.59
CA LYS A 18 8.82 -16.54 -26.02
C LYS A 18 7.81 -16.18 -24.92
N MET A 19 8.23 -16.08 -23.65
CA MET A 19 7.30 -15.81 -22.50
C MET A 19 7.26 -14.30 -22.20
N LYS A 20 8.26 -13.55 -22.64
CA LYS A 20 8.30 -12.07 -22.47
C LYS A 20 6.94 -11.46 -22.81
N ASN A 21 6.35 -10.77 -21.82
CA ASN A 21 5.11 -9.96 -21.99
C ASN A 21 3.96 -10.85 -22.45
N LYS A 22 4.02 -12.10 -22.06
CA LYS A 22 2.90 -13.05 -22.22
C LYS A 22 1.94 -12.77 -21.07
N SER A 23 0.70 -12.85 -21.41
CA SER A 23 -0.45 -12.67 -20.50
C SER A 23 -0.83 -14.08 -20.06
N VAL A 24 -1.09 -14.32 -18.79
CA VAL A 24 -1.41 -15.70 -18.32
C VAL A 24 -2.82 -15.70 -17.72
N ILE A 25 -3.80 -16.18 -18.48
CA ILE A 25 -5.25 -16.17 -18.13
C ILE A 25 -5.69 -17.58 -17.69
N ASN A 26 -5.17 -18.56 -18.41
CA ASN A 26 -5.65 -19.98 -18.41
C ASN A 26 -4.40 -20.86 -18.29
N ILE A 27 -4.49 -22.01 -17.64
CA ILE A 27 -3.35 -22.99 -17.54
C ILE A 27 -2.92 -23.45 -18.95
N ASP A 28 -3.85 -23.46 -19.93
CA ASP A 28 -3.59 -23.81 -21.36
C ASP A 28 -2.75 -22.75 -22.08
N ASP A 29 -2.51 -21.59 -21.47
CA ASP A 29 -1.55 -20.58 -22.01
C ASP A 29 -0.11 -20.99 -21.73
N VAL A 30 0.08 -22.02 -20.90
CA VAL A 30 1.42 -22.56 -20.54
C VAL A 30 1.65 -23.89 -21.27
N ASP A 31 2.66 -23.96 -22.12
CA ASP A 31 3.01 -25.21 -22.83
C ASP A 31 4.06 -25.99 -21.97
N ASP A 32 4.55 -27.13 -22.47
CA ASP A 32 5.54 -28.01 -21.81
C ASP A 32 6.80 -27.21 -21.44
N GLU A 33 7.42 -26.53 -22.41
CA GLU A 33 8.73 -25.84 -22.28
C GLU A 33 8.56 -24.77 -21.17
N GLU A 34 7.41 -24.11 -21.17
CA GLU A 34 7.11 -22.97 -20.25
C GLU A 34 6.93 -23.55 -18.86
N LEU A 35 6.24 -24.70 -18.75
CA LEU A 35 5.99 -25.37 -17.46
C LEU A 35 7.34 -25.77 -16.87
N LEU A 36 8.23 -26.33 -17.67
CA LEU A 36 9.59 -26.70 -17.21
C LEU A 36 10.27 -25.42 -16.67
N ALA A 37 10.19 -24.29 -17.38
CA ALA A 37 10.94 -23.06 -17.01
C ALA A 37 10.39 -22.54 -15.68
N ILE A 38 9.07 -22.61 -15.50
CA ILE A 38 8.37 -22.19 -14.27
C ILE A 38 8.80 -23.08 -13.09
N LEU A 39 8.92 -24.39 -13.30
CA LEU A 39 9.32 -25.36 -12.24
C LEU A 39 10.80 -25.16 -11.90
N TYR A 40 11.69 -25.07 -12.89
CA TYR A 40 13.14 -24.82 -12.64
C TYR A 40 13.30 -23.50 -11.86
N THR A 41 12.67 -22.42 -12.34
CA THR A 41 12.86 -21.04 -11.78
C THR A 41 12.27 -21.04 -10.37
N SER A 42 11.12 -21.69 -10.22
CA SER A 42 10.34 -21.81 -8.96
C SER A 42 11.27 -22.44 -7.89
N LYS A 43 11.97 -23.52 -8.24
CA LYS A 43 12.90 -24.27 -7.35
C LYS A 43 14.07 -23.38 -6.95
N GLN A 44 14.62 -22.60 -7.90
CA GLN A 44 15.73 -21.66 -7.65
C GLN A 44 15.28 -20.67 -6.57
N PHE A 45 14.06 -20.15 -6.64
CA PHE A 45 13.57 -19.14 -5.66
C PHE A 45 13.30 -19.86 -4.33
N GLU A 46 12.76 -21.07 -4.35
CA GLU A 46 12.59 -21.85 -3.11
C GLU A 46 13.96 -21.90 -2.40
N LYS A 47 15.01 -22.29 -3.11
CA LYS A 47 16.33 -22.58 -2.47
C LYS A 47 16.98 -21.27 -2.04
N ILE A 48 16.80 -20.20 -2.80
CA ILE A 48 17.39 -18.87 -2.51
C ILE A 48 16.72 -18.32 -1.22
N LEU A 49 15.39 -18.34 -1.13
CA LEU A 49 14.65 -17.84 0.08
C LEU A 49 14.94 -18.73 1.29
N LYS A 50 14.99 -20.05 1.15
CA LYS A 50 15.25 -20.95 2.32
C LYS A 50 16.69 -20.77 2.83
N ASN A 51 17.62 -20.28 2.00
CA ASN A 51 19.03 -19.99 2.41
C ASN A 51 19.25 -18.49 2.68
N ASN A 52 18.17 -17.69 2.82
CA ASN A 52 18.23 -16.25 3.22
C ASN A 52 19.13 -15.46 2.27
N GLU A 53 19.07 -15.76 0.98
CA GLU A 53 19.95 -15.18 -0.05
C GLU A 53 19.17 -14.05 -0.75
N ASP A 54 19.90 -13.19 -1.46
CA ASP A 54 19.36 -12.10 -2.31
C ASP A 54 18.28 -12.65 -3.28
N SER A 55 17.07 -12.09 -3.27
CA SER A 55 15.91 -12.56 -4.05
C SER A 55 15.53 -11.53 -5.12
N LYS A 56 16.34 -10.48 -5.29
CA LYS A 56 15.90 -9.29 -6.05
C LYS A 56 16.24 -9.48 -7.51
N TYR A 57 15.57 -10.39 -8.20
CA TYR A 57 15.91 -10.74 -9.60
C TYR A 57 15.03 -9.93 -10.55
N LEU A 58 14.09 -9.14 -10.05
CA LEU A 58 13.18 -8.31 -10.88
C LEU A 58 12.89 -7.03 -10.13
N GLU A 59 13.85 -6.15 -10.06
CA GLU A 59 13.68 -4.79 -9.53
C GLU A 59 13.37 -3.94 -10.75
N ASN A 60 12.99 -2.69 -10.56
CA ASN A 60 12.81 -1.69 -11.67
C ASN A 60 11.43 -1.85 -12.31
N LYS A 61 10.61 -2.80 -11.87
CA LYS A 61 9.21 -2.94 -12.32
C LYS A 61 8.22 -2.37 -11.30
N VAL A 62 7.14 -1.81 -11.83
CA VAL A 62 5.99 -1.33 -11.02
C VAL A 62 4.75 -2.04 -11.57
N PHE A 63 4.03 -2.74 -10.72
CA PHE A 63 2.81 -3.49 -11.09
C PHE A 63 1.63 -2.77 -10.46
N CYS A 64 0.45 -3.07 -10.97
CA CYS A 64 -0.82 -2.77 -10.30
C CYS A 64 -1.51 -4.09 -10.01
N SER A 65 -1.99 -4.23 -8.79
CA SER A 65 -2.78 -5.38 -8.37
C SER A 65 -4.24 -4.90 -8.23
N VAL A 66 -5.14 -5.50 -9.01
CA VAL A 66 -6.58 -5.17 -9.00
C VAL A 66 -7.36 -6.40 -8.54
N PHE A 67 -7.85 -6.34 -7.31
CA PHE A 67 -8.63 -7.44 -6.67
C PHE A 67 -10.03 -6.92 -6.45
N LEU A 68 -11.01 -7.35 -7.25
CA LEU A 68 -12.41 -6.85 -7.20
C LEU A 68 -13.31 -7.81 -6.45
N GLU A 69 -12.72 -8.74 -5.71
CA GLU A 69 -13.41 -9.52 -4.65
C GLU A 69 -12.41 -9.79 -3.54
N PRO A 70 -12.89 -10.09 -2.31
CA PRO A 70 -12.02 -10.58 -1.25
C PRO A 70 -11.36 -11.89 -1.73
N SER A 71 -10.04 -11.86 -1.79
CA SER A 71 -9.14 -13.03 -1.99
C SER A 71 -7.80 -12.61 -1.37
N THR A 72 -7.87 -12.20 -0.11
CA THR A 72 -6.74 -11.66 0.67
C THR A 72 -5.54 -12.61 0.59
N ARG A 73 -5.70 -13.93 0.79
CA ARG A 73 -4.51 -14.84 0.76
C ARG A 73 -3.84 -14.67 -0.61
N THR A 74 -4.60 -14.72 -1.70
CA THR A 74 -4.03 -14.72 -3.07
C THR A 74 -3.41 -13.37 -3.32
N ARG A 75 -4.08 -12.30 -2.89
CA ARG A 75 -3.56 -10.91 -3.07
C ARG A 75 -2.21 -10.78 -2.35
N CYS A 76 -2.15 -11.11 -1.08
CA CYS A 76 -0.92 -11.01 -0.26
C CYS A 76 0.19 -11.87 -0.88
N SER A 77 -0.17 -13.02 -1.44
CA SER A 77 0.81 -13.96 -2.02
C SER A 77 1.48 -13.28 -3.20
N PHE A 78 0.68 -12.65 -4.07
CA PHE A 78 1.20 -11.91 -5.25
C PHE A 78 2.00 -10.69 -4.83
N ASP A 79 1.53 -9.91 -3.86
CA ASP A 79 2.24 -8.73 -3.32
C ASP A 79 3.61 -9.18 -2.80
N ALA A 80 3.65 -10.23 -1.97
CA ALA A 80 4.88 -10.77 -1.40
C ALA A 80 5.86 -11.12 -2.51
N ALA A 81 5.39 -11.75 -3.56
CA ALA A 81 6.24 -12.25 -4.66
C ALA A 81 6.88 -11.05 -5.36
N ILE A 82 6.07 -10.03 -5.64
CA ILE A 82 6.50 -8.83 -6.38
C ILE A 82 7.54 -8.13 -5.51
N LEU A 83 7.20 -7.93 -4.25
CA LEU A 83 8.06 -7.17 -3.32
C LEU A 83 9.36 -7.95 -3.06
N LYS A 84 9.32 -9.27 -2.95
CA LYS A 84 10.51 -10.11 -2.60
C LYS A 84 11.44 -10.13 -3.83
N LEU A 85 10.88 -9.93 -5.05
CA LEU A 85 11.63 -9.83 -6.34
C LEU A 85 12.31 -8.47 -6.43
N GLY A 86 11.86 -7.51 -5.61
CA GLY A 86 12.45 -6.17 -5.50
C GLY A 86 11.66 -5.14 -6.30
N SER A 87 10.53 -5.51 -6.86
CA SER A 87 9.70 -4.55 -7.63
C SER A 87 8.71 -3.87 -6.69
N LYS A 88 7.81 -3.12 -7.26
CA LYS A 88 6.86 -2.30 -6.49
C LYS A 88 5.47 -2.59 -7.01
N VAL A 89 4.48 -2.36 -6.17
CA VAL A 89 3.08 -2.56 -6.58
C VAL A 89 2.20 -1.48 -5.90
N LEU A 90 1.23 -1.06 -6.68
CA LEU A 90 0.14 -0.13 -6.41
C LEU A 90 -1.11 -1.02 -6.32
N ASN A 91 -1.91 -0.88 -5.27
CA ASN A 91 -3.02 -1.83 -4.94
C ASN A 91 -4.36 -1.16 -5.17
N ILE A 92 -5.30 -1.89 -5.78
CA ILE A 92 -6.75 -1.56 -5.82
C ILE A 92 -7.47 -2.76 -5.23
N THR A 93 -7.91 -2.70 -3.96
CA THR A 93 -8.57 -3.82 -3.20
C THR A 93 -9.79 -3.29 -2.45
N ASP A 94 -10.50 -4.17 -1.72
CA ASP A 94 -11.70 -3.90 -0.87
C ASP A 94 -12.74 -3.07 -1.64
N MET A 95 -12.66 -3.11 -2.98
CA MET A 95 -13.73 -2.65 -3.89
C MET A 95 -14.27 -3.89 -4.59
N ASN A 96 -15.48 -3.79 -5.20
CA ASN A 96 -16.09 -4.81 -6.10
C ASN A 96 -16.22 -4.23 -7.52
N SER A 97 -16.74 -5.02 -8.44
CA SER A 97 -16.93 -4.67 -9.86
C SER A 97 -17.70 -3.34 -9.96
N THR A 98 -18.96 -3.33 -9.51
CA THR A 98 -19.90 -2.16 -9.57
C THR A 98 -19.18 -0.87 -9.16
N SER A 99 -18.60 -0.83 -7.96
CA SER A 99 -18.06 0.39 -7.29
C SER A 99 -16.71 0.81 -7.88
N PHE A 100 -15.98 -0.12 -8.51
CA PHE A 100 -14.66 0.13 -9.16
C PHE A 100 -14.85 0.76 -10.54
N TYR A 101 -15.75 0.18 -11.37
CA TYR A 101 -16.08 0.61 -12.76
C TYR A 101 -17.26 1.59 -12.73
N LYS A 102 -17.10 2.64 -11.91
CA LYS A 102 -18.17 3.59 -11.52
C LYS A 102 -18.93 4.03 -12.78
N GLY A 103 -19.64 3.09 -13.44
CA GLY A 103 -20.27 3.29 -14.77
C GLY A 103 -19.29 3.45 -15.95
N GLU A 104 -17.96 3.37 -15.76
CA GLU A 104 -16.90 3.45 -16.82
C GLU A 104 -16.61 2.05 -17.38
N THR A 105 -16.24 1.95 -18.66
CA THR A 105 -16.01 0.68 -19.38
C THR A 105 -14.73 0.01 -18.89
N VAL A 106 -14.72 -1.30 -18.89
CA VAL A 106 -13.51 -2.11 -18.59
C VAL A 106 -12.45 -1.70 -19.61
N GLU A 107 -12.84 -1.51 -20.86
CA GLU A 107 -11.91 -1.20 -21.99
C GLU A 107 -11.12 0.06 -21.65
N ASP A 108 -11.82 1.15 -21.32
CA ASP A 108 -11.23 2.47 -20.96
C ASP A 108 -10.33 2.27 -19.75
N ALA A 109 -10.85 1.59 -18.73
CA ALA A 109 -10.15 1.41 -17.43
C ALA A 109 -8.78 0.77 -17.68
N PHE A 110 -8.73 -0.30 -18.46
CA PHE A 110 -7.47 -1.09 -18.60
C PHE A 110 -6.58 -0.41 -19.62
N LYS A 111 -7.17 0.32 -20.57
CA LYS A 111 -6.40 1.10 -21.57
C LYS A 111 -5.63 2.18 -20.81
N ILE A 112 -6.24 2.80 -19.82
CA ILE A 112 -5.55 3.84 -19.00
C ILE A 112 -4.54 3.21 -18.03
N LEU A 113 -4.97 2.29 -17.18
CA LEU A 113 -4.16 1.80 -16.05
C LEU A 113 -2.88 1.17 -16.61
N SER A 114 -3.02 0.43 -17.71
CA SER A 114 -1.93 -0.26 -18.41
C SER A 114 -0.89 0.73 -18.93
N THR A 115 -1.18 2.03 -19.09
CA THR A 115 -0.16 3.06 -19.41
C THR A 115 0.64 3.47 -18.15
N TYR A 116 0.19 3.12 -16.94
CA TYR A 116 0.84 3.61 -15.68
C TYR A 116 1.90 2.62 -15.18
N VAL A 117 1.81 1.34 -15.58
CA VAL A 117 2.53 0.23 -14.92
C VAL A 117 3.06 -0.74 -15.99
N ASP A 118 3.96 -1.66 -15.59
CA ASP A 118 4.59 -2.68 -16.44
C ASP A 118 3.74 -3.95 -16.58
N GLY A 119 2.86 -4.22 -15.62
CA GLY A 119 1.91 -5.34 -15.71
C GLY A 119 0.84 -5.30 -14.64
N ILE A 120 -0.21 -6.08 -14.80
CA ILE A 120 -1.40 -6.02 -13.93
C ILE A 120 -1.70 -7.42 -13.43
N ILE A 121 -1.93 -7.56 -12.12
CA ILE A 121 -2.50 -8.75 -11.45
C ILE A 121 -3.98 -8.45 -11.31
N TYR A 122 -4.87 -9.30 -11.79
CA TYR A 122 -6.31 -8.99 -11.86
C TYR A 122 -7.07 -10.21 -11.36
N ARG A 123 -7.89 -9.99 -10.33
CA ARG A 123 -8.85 -10.94 -9.75
C ARG A 123 -10.23 -10.30 -9.85
N ASP A 124 -11.19 -11.01 -10.45
CA ASP A 124 -12.57 -10.51 -10.64
C ASP A 124 -13.47 -11.72 -10.77
N PRO A 125 -14.55 -11.84 -9.97
CA PRO A 125 -15.48 -12.96 -10.13
C PRO A 125 -16.05 -13.06 -11.56
N SER A 126 -16.32 -11.96 -12.26
CA SER A 126 -16.71 -11.95 -13.70
C SER A 126 -15.63 -12.56 -14.62
N LYS A 127 -16.01 -13.51 -15.48
CA LYS A 127 -15.16 -14.12 -16.55
C LYS A 127 -14.95 -13.10 -17.69
N LYS A 128 -16.06 -12.46 -18.04
CA LYS A 128 -16.13 -11.43 -19.09
C LYS A 128 -14.95 -10.48 -18.85
N ASN A 129 -14.88 -9.87 -17.68
CA ASN A 129 -13.99 -8.70 -17.42
C ASN A 129 -12.52 -9.02 -17.70
N VAL A 130 -12.03 -10.20 -17.29
CA VAL A 130 -10.57 -10.51 -17.43
C VAL A 130 -10.23 -10.59 -18.92
N ASP A 131 -11.14 -11.08 -19.74
CA ASP A 131 -10.89 -11.21 -21.19
C ASP A 131 -10.96 -9.83 -21.84
N ILE A 132 -11.90 -8.98 -21.41
CA ILE A 132 -11.95 -7.56 -21.90
C ILE A 132 -10.65 -6.87 -21.51
N ALA A 133 -10.20 -7.06 -20.26
CA ALA A 133 -8.97 -6.46 -19.72
C ALA A 133 -7.80 -6.86 -20.60
N VAL A 134 -7.77 -8.10 -21.07
CA VAL A 134 -6.60 -8.63 -21.80
C VAL A 134 -6.60 -8.02 -23.19
N SER A 135 -7.77 -7.86 -23.81
CA SER A 135 -7.89 -7.28 -25.17
C SER A 135 -7.70 -5.75 -25.17
N SER A 136 -7.87 -5.05 -24.04
CA SER A 136 -7.79 -3.57 -23.97
C SER A 136 -6.46 -3.08 -23.35
N SER A 137 -5.71 -3.98 -22.68
CA SER A 137 -4.43 -3.68 -21.97
C SER A 137 -3.27 -3.64 -22.96
N SER A 138 -2.38 -2.67 -22.81
CA SER A 138 -1.09 -2.58 -23.53
C SER A 138 -0.03 -3.38 -22.77
N LYS A 139 -0.37 -3.99 -21.63
CA LYS A 139 0.60 -4.69 -20.77
C LYS A 139 0.09 -6.06 -20.35
N PRO A 140 1.03 -6.97 -19.98
CA PRO A 140 0.67 -8.34 -19.63
C PRO A 140 -0.23 -8.35 -18.40
N ILE A 141 -1.22 -9.24 -18.42
CA ILE A 141 -2.13 -9.53 -17.29
C ILE A 141 -1.85 -10.95 -16.77
N ILE A 142 -1.75 -11.09 -15.44
CA ILE A 142 -1.83 -12.39 -14.76
C ILE A 142 -3.18 -12.48 -14.07
N ASN A 143 -4.02 -13.42 -14.54
CA ASN A 143 -5.32 -13.80 -13.92
C ASN A 143 -5.02 -14.45 -12.58
N ALA A 144 -5.45 -13.82 -11.49
CA ALA A 144 -5.29 -14.31 -10.12
C ALA A 144 -6.56 -15.02 -9.71
N GLY A 145 -7.47 -15.25 -10.66
CA GLY A 145 -8.72 -15.99 -10.42
C GLY A 145 -9.93 -15.26 -10.96
N ASN A 146 -10.77 -15.95 -11.73
CA ASN A 146 -12.09 -15.44 -12.17
C ASN A 146 -13.12 -16.55 -11.97
N GLY A 147 -14.41 -16.21 -12.15
CA GLY A 147 -15.55 -17.12 -11.95
C GLY A 147 -15.80 -18.09 -13.12
N THR A 148 -14.90 -18.23 -14.10
CA THR A 148 -14.87 -19.39 -15.04
C THR A 148 -14.06 -20.51 -14.39
N GLY A 149 -13.49 -20.25 -13.22
CA GLY A 149 -12.60 -21.21 -12.53
C GLY A 149 -11.21 -21.23 -13.14
N GLU A 150 -10.85 -20.26 -13.98
CA GLU A 150 -9.45 -20.05 -14.42
C GLU A 150 -8.70 -19.42 -13.24
N HIS A 151 -7.58 -20.05 -12.87
CA HIS A 151 -6.70 -19.72 -11.73
C HIS A 151 -5.34 -20.34 -11.99
N PRO A 152 -4.64 -19.89 -13.04
CA PRO A 152 -3.45 -20.57 -13.49
C PRO A 152 -2.38 -20.74 -12.39
N THR A 153 -2.11 -19.73 -11.57
CA THR A 153 -1.02 -19.85 -10.59
C THR A 153 -1.41 -20.86 -9.50
N GLN A 154 -2.70 -21.05 -9.18
CA GLN A 154 -3.10 -22.11 -8.19
C GLN A 154 -2.76 -23.49 -8.74
N SER A 155 -3.05 -23.67 -10.01
CA SER A 155 -2.84 -24.89 -10.83
C SER A 155 -1.35 -25.16 -10.92
N LEU A 156 -0.58 -24.12 -11.17
CA LEU A 156 0.89 -24.13 -11.33
C LEU A 156 1.56 -24.53 -10.02
N LEU A 157 1.06 -24.02 -8.90
CA LEU A 157 1.59 -24.18 -7.52
C LEU A 157 1.22 -25.57 -7.02
N ASP A 158 -0.02 -26.00 -7.30
CA ASP A 158 -0.47 -27.42 -7.11
C ASP A 158 0.51 -28.35 -7.84
N PHE A 159 0.85 -28.06 -9.09
CA PHE A 159 1.69 -28.97 -9.93
C PHE A 159 3.09 -29.00 -9.37
N TYR A 160 3.66 -27.85 -9.03
CA TYR A 160 5.05 -27.73 -8.45
C TYR A 160 5.14 -28.58 -7.18
N THR A 161 4.13 -28.51 -6.32
CA THR A 161 4.04 -29.27 -5.06
C THR A 161 4.12 -30.78 -5.37
N ILE A 162 3.27 -31.26 -6.28
CA ILE A 162 3.23 -32.68 -6.68
C ILE A 162 4.59 -33.12 -7.29
N HIS A 163 5.10 -32.37 -8.26
CA HIS A 163 6.42 -32.62 -8.91
C HIS A 163 7.54 -32.69 -7.87
N ASN A 164 7.42 -31.97 -6.77
CA ASN A 164 8.48 -31.89 -5.72
C ASN A 164 8.67 -33.28 -5.10
N TYR A 165 7.58 -34.05 -4.89
CA TYR A 165 7.60 -35.39 -4.25
C TYR A 165 7.59 -36.50 -5.30
N PHE A 166 7.08 -36.25 -6.52
CA PHE A 166 6.94 -37.30 -7.57
C PHE A 166 7.48 -36.72 -8.87
N PRO A 167 8.81 -36.45 -8.99
CA PRO A 167 9.34 -35.72 -10.13
C PRO A 167 9.13 -36.47 -11.45
N PHE A 168 8.86 -37.78 -11.38
CA PHE A 168 8.69 -38.67 -12.55
C PHE A 168 7.43 -38.27 -13.33
N ILE A 169 6.47 -37.55 -12.72
CA ILE A 169 5.26 -37.01 -13.43
C ILE A 169 5.64 -36.21 -14.69
N LEU A 170 6.84 -35.65 -14.77
CA LEU A 170 7.32 -34.94 -15.99
C LEU A 170 7.71 -35.94 -17.08
N ASP A 171 8.04 -37.18 -16.74
CA ASP A 171 8.83 -38.05 -17.66
C ASP A 171 7.97 -38.52 -18.82
N ARG A 172 6.64 -38.57 -18.66
CA ARG A 172 5.77 -39.22 -19.64
C ARG A 172 6.35 -40.62 -19.94
N ASN A 173 6.62 -41.36 -18.87
CA ASN A 173 7.15 -42.74 -18.89
C ASN A 173 5.96 -43.70 -18.67
N ILE A 174 5.67 -44.58 -19.62
CA ILE A 174 4.49 -45.49 -19.54
C ILE A 174 4.57 -46.31 -18.24
N ASN A 175 5.78 -46.56 -17.71
CA ASN A 175 6.04 -47.41 -16.52
C ASN A 175 5.99 -46.64 -15.20
N LYS A 176 5.95 -45.30 -15.24
CA LYS A 176 6.00 -44.42 -14.04
C LYS A 176 4.74 -43.54 -14.04
N LYS A 177 3.66 -44.07 -13.50
CA LYS A 177 2.31 -43.46 -13.46
C LYS A 177 2.08 -42.87 -12.06
N LEU A 178 1.51 -41.67 -11.99
CA LEU A 178 1.05 -41.03 -10.74
C LEU A 178 -0.46 -41.23 -10.58
N ASN A 179 -0.89 -41.67 -9.40
CA ASN A 179 -2.31 -41.93 -9.08
C ASN A 179 -2.70 -40.86 -8.08
N ILE A 180 -3.80 -40.16 -8.37
CA ILE A 180 -4.27 -39.03 -7.56
C ILE A 180 -5.76 -39.22 -7.27
N ALA A 181 -6.19 -38.92 -6.04
CA ALA A 181 -7.60 -38.84 -5.62
C ALA A 181 -7.94 -37.37 -5.36
N PHE A 182 -9.01 -36.89 -6.01
CA PHE A 182 -9.69 -35.60 -5.79
C PHE A 182 -10.94 -35.88 -4.96
N VAL A 183 -11.03 -35.22 -3.80
CA VAL A 183 -12.04 -35.52 -2.74
C VAL A 183 -12.82 -34.24 -2.48
N GLY A 184 -14.15 -34.34 -2.53
CA GLY A 184 -15.08 -33.37 -1.96
C GLY A 184 -16.09 -32.88 -2.98
N ASP A 185 -16.08 -31.57 -3.25
CA ASP A 185 -17.03 -30.91 -4.19
C ASP A 185 -16.32 -30.76 -5.55
N LEU A 186 -16.39 -31.82 -6.35
CA LEU A 186 -15.70 -31.94 -7.65
C LEU A 186 -16.50 -31.16 -8.70
N LYS A 187 -17.80 -30.95 -8.46
CA LYS A 187 -18.67 -30.10 -9.32
C LYS A 187 -18.19 -28.65 -9.24
N ASN A 188 -18.08 -28.06 -8.05
CA ASN A 188 -17.82 -26.61 -7.87
C ASN A 188 -16.36 -26.30 -7.57
N GLY A 189 -15.54 -27.29 -7.18
CA GLY A 189 -14.11 -27.09 -6.84
C GLY A 189 -13.25 -26.93 -8.08
N ARG A 190 -13.14 -25.69 -8.58
CA ARG A 190 -12.64 -25.38 -9.94
C ARG A 190 -11.12 -25.56 -9.97
N THR A 191 -10.51 -25.61 -8.81
CA THR A 191 -9.07 -25.92 -8.62
C THR A 191 -8.81 -27.36 -9.07
N VAL A 192 -9.81 -28.22 -8.89
CA VAL A 192 -9.77 -29.63 -9.38
C VAL A 192 -9.77 -29.60 -10.92
N HIS A 193 -10.66 -28.81 -11.50
CA HIS A 193 -10.91 -28.78 -12.96
C HIS A 193 -9.57 -28.40 -13.61
N SER A 194 -8.96 -27.33 -13.14
CA SER A 194 -7.75 -26.72 -13.75
C SER A 194 -6.56 -27.68 -13.61
N LEU A 195 -6.36 -28.22 -12.39
CA LEU A 195 -5.24 -29.14 -12.08
C LEU A 195 -5.42 -30.42 -12.90
N SER A 196 -6.65 -30.93 -12.98
CA SER A 196 -6.99 -32.15 -13.75
C SER A 196 -6.52 -32.01 -15.19
N LYS A 197 -6.90 -30.88 -15.81
CA LYS A 197 -6.51 -30.48 -17.19
C LYS A 197 -5.00 -30.53 -17.35
N LEU A 198 -4.23 -30.02 -16.39
CA LEU A 198 -2.75 -29.95 -16.51
C LEU A 198 -2.14 -31.36 -16.26
N LEU A 199 -2.61 -32.06 -15.23
CA LEU A 199 -2.12 -33.39 -14.80
C LEU A 199 -2.34 -34.35 -15.96
N SER A 200 -3.48 -34.14 -16.61
CA SER A 200 -3.96 -34.90 -17.78
C SER A 200 -2.94 -34.92 -18.91
N ARG A 201 -1.96 -34.00 -18.92
CA ARG A 201 -0.97 -33.90 -20.02
C ARG A 201 0.14 -34.93 -19.77
N TYR A 202 0.07 -35.63 -18.64
CA TYR A 202 1.14 -36.53 -18.16
C TYR A 202 0.54 -37.94 -17.97
N ASN A 203 1.37 -38.85 -17.49
CA ASN A 203 0.93 -40.23 -17.21
C ASN A 203 0.33 -40.26 -15.81
N VAL A 204 -0.98 -40.04 -15.71
CA VAL A 204 -1.70 -39.86 -14.42
C VAL A 204 -3.04 -40.61 -14.48
N SER A 205 -3.39 -41.30 -13.39
CA SER A 205 -4.72 -41.93 -13.19
C SER A 205 -5.44 -41.18 -12.06
N PHE A 206 -6.75 -41.01 -12.20
CA PHE A 206 -7.60 -40.10 -11.40
C PHE A 206 -8.69 -40.89 -10.70
N ASN A 207 -8.70 -40.81 -9.38
CA ASN A 207 -9.83 -41.21 -8.50
C ASN A 207 -10.67 -39.97 -8.16
N PHE A 208 -11.92 -39.96 -8.58
CA PHE A 208 -12.89 -38.85 -8.33
C PHE A 208 -13.87 -39.28 -7.24
N VAL A 209 -13.64 -38.78 -6.03
CA VAL A 209 -14.31 -39.19 -4.76
C VAL A 209 -15.27 -38.08 -4.33
N SER A 210 -16.58 -38.32 -4.42
CA SER A 210 -17.65 -37.32 -4.16
C SER A 210 -18.98 -38.02 -3.86
N CYS A 211 -19.92 -37.29 -3.28
CA CYS A 211 -21.33 -37.74 -3.15
C CYS A 211 -22.09 -37.27 -4.40
N LYS A 212 -21.80 -37.92 -5.54
CA LYS A 212 -22.54 -37.98 -6.84
C LYS A 212 -23.10 -36.63 -7.29
N SER A 213 -24.04 -36.04 -6.52
CA SER A 213 -24.63 -34.69 -6.74
C SER A 213 -23.54 -33.66 -7.06
N LEU A 214 -22.32 -33.91 -6.57
CA LEU A 214 -21.15 -32.99 -6.59
C LEU A 214 -19.98 -33.65 -7.33
N ASN A 215 -20.23 -34.52 -8.31
CA ASN A 215 -19.12 -35.25 -8.97
C ASN A 215 -18.51 -34.35 -10.05
N ILE A 216 -17.35 -34.75 -10.54
CA ILE A 216 -16.60 -34.04 -11.61
C ILE A 216 -17.50 -33.89 -12.84
N PRO A 217 -17.55 -32.73 -13.52
CA PRO A 217 -18.38 -32.57 -14.72
C PRO A 217 -17.85 -33.32 -15.95
N LYS A 218 -18.76 -33.85 -16.79
CA LYS A 218 -18.43 -34.68 -17.98
C LYS A 218 -17.46 -33.92 -18.89
N ASP A 219 -17.62 -32.58 -18.95
CA ASP A 219 -16.76 -31.60 -19.64
C ASP A 219 -15.28 -31.86 -19.31
N ILE A 220 -14.94 -32.01 -18.01
CA ILE A 220 -13.56 -32.16 -17.48
C ILE A 220 -13.06 -33.58 -17.76
N VAL A 221 -13.94 -34.56 -17.64
CA VAL A 221 -13.63 -35.99 -17.91
C VAL A 221 -13.27 -36.15 -19.40
N ASN A 222 -14.05 -35.55 -20.29
CA ASN A 222 -13.71 -35.51 -21.74
C ASN A 222 -12.32 -34.90 -21.95
N THR A 223 -11.98 -33.78 -21.28
CA THR A 223 -10.71 -33.07 -21.47
C THR A 223 -9.59 -33.99 -20.96
N ILE A 224 -9.79 -34.64 -19.81
CA ILE A 224 -8.80 -35.58 -19.21
C ILE A 224 -8.50 -36.69 -20.23
N THR A 225 -9.56 -37.26 -20.81
CA THR A 225 -9.53 -38.38 -21.80
C THR A 225 -8.80 -37.94 -23.10
N TYR A 226 -9.17 -36.80 -23.67
CA TYR A 226 -8.50 -36.24 -24.88
C TYR A 226 -6.99 -36.14 -24.61
N ASN A 227 -6.61 -35.56 -23.47
CA ASN A 227 -5.20 -35.30 -23.12
C ASN A 227 -4.44 -36.63 -22.87
N LEU A 228 -5.06 -37.63 -22.22
CA LEU A 228 -4.38 -38.93 -21.94
C LEU A 228 -4.17 -39.63 -23.28
N LYS A 229 -5.21 -39.63 -24.13
CA LYS A 229 -5.16 -40.24 -25.49
C LYS A 229 -4.04 -39.59 -26.32
N LYS A 230 -3.88 -38.27 -26.30
CA LYS A 230 -2.86 -37.58 -27.14
C LYS A 230 -1.47 -38.14 -26.81
N ASN A 231 -1.23 -38.54 -25.55
CA ASN A 231 0.09 -39.06 -25.08
C ASN A 231 0.05 -40.59 -24.88
N ASN A 232 -1.02 -41.23 -25.31
CA ASN A 232 -1.15 -42.71 -25.29
C ASN A 232 -0.92 -43.20 -23.84
N PHE A 233 -1.62 -42.58 -22.87
CA PHE A 233 -1.72 -43.01 -21.46
C PHE A 233 -3.15 -43.32 -21.05
N TYR A 234 -4.10 -43.39 -21.97
CA TYR A 234 -5.51 -43.69 -21.62
C TYR A 234 -5.75 -45.19 -21.57
N SER A 235 -6.46 -45.64 -20.54
CA SER A 235 -6.95 -47.03 -20.35
C SER A 235 -8.27 -46.96 -19.57
N ASP A 236 -8.89 -48.12 -19.35
CA ASP A 236 -10.21 -48.25 -18.68
C ASP A 236 -9.99 -47.96 -17.19
N ASP A 237 -8.71 -47.92 -16.79
CA ASP A 237 -8.27 -47.68 -15.40
C ASP A 237 -7.85 -46.22 -15.22
N SER A 238 -7.88 -45.39 -16.29
CA SER A 238 -7.40 -43.99 -16.25
C SER A 238 -8.26 -43.16 -15.29
N ILE A 239 -9.58 -43.33 -15.35
CA ILE A 239 -10.57 -42.52 -14.57
C ILE A 239 -11.48 -43.51 -13.83
N LYS A 240 -11.48 -43.49 -12.51
CA LYS A 240 -12.37 -44.29 -11.65
C LYS A 240 -13.16 -43.33 -10.74
N TYR A 241 -14.35 -43.72 -10.32
CA TYR A 241 -15.28 -42.94 -9.47
C TYR A 241 -15.59 -43.73 -8.21
N PHE A 242 -15.54 -43.08 -7.05
CA PHE A 242 -15.87 -43.65 -5.72
C PHE A 242 -16.77 -42.67 -4.93
N ASP A 243 -17.49 -43.17 -3.94
CA ASP A 243 -18.38 -42.38 -3.05
C ASP A 243 -17.90 -42.56 -1.59
N ASN A 244 -16.65 -43.03 -1.41
CA ASN A 244 -16.09 -43.40 -0.08
C ASN A 244 -14.55 -43.40 -0.13
N LEU A 245 -13.93 -43.06 1.00
CA LEU A 245 -12.47 -42.78 1.12
C LEU A 245 -11.68 -44.08 1.09
N GLU A 246 -12.15 -45.13 1.79
CA GLU A 246 -11.38 -46.39 1.97
C GLU A 246 -11.02 -46.94 0.59
N GLU A 247 -11.95 -46.90 -0.37
CA GLU A 247 -11.74 -47.30 -1.79
C GLU A 247 -11.04 -46.13 -2.54
N GLY A 248 -11.52 -44.90 -2.32
CA GLY A 248 -11.00 -43.68 -2.97
C GLY A 248 -9.49 -43.51 -2.79
N LEU A 249 -8.95 -43.84 -1.61
CA LEU A 249 -7.60 -43.40 -1.19
C LEU A 249 -6.57 -44.55 -1.26
N GLU A 250 -6.93 -45.72 -1.80
CA GLU A 250 -6.01 -46.86 -2.03
C GLU A 250 -5.09 -46.54 -3.21
N ASP A 251 -3.80 -46.85 -3.09
CA ASP A 251 -2.76 -46.78 -4.16
C ASP A 251 -2.80 -45.43 -4.91
N VAL A 252 -3.01 -44.32 -4.19
CA VAL A 252 -2.92 -42.93 -4.76
C VAL A 252 -1.76 -42.17 -4.10
N HIS A 253 -0.81 -41.71 -4.91
CA HIS A 253 0.39 -40.92 -4.52
C HIS A 253 -0.06 -39.56 -3.95
N ILE A 254 -1.18 -39.04 -4.45
CA ILE A 254 -1.66 -37.69 -4.04
C ILE A 254 -3.12 -37.78 -3.62
N ILE A 255 -3.40 -37.21 -2.45
CA ILE A 255 -4.78 -36.86 -2.00
C ILE A 255 -4.92 -35.34 -2.06
N TYR A 256 -5.89 -34.84 -2.82
CA TYR A 256 -6.20 -33.40 -2.99
C TYR A 256 -7.61 -33.17 -2.46
N MET A 257 -7.71 -32.63 -1.24
CA MET A 257 -9.00 -32.33 -0.56
C MET A 257 -9.54 -31.00 -1.10
N THR A 258 -10.87 -30.82 -1.08
CA THR A 258 -11.53 -29.53 -1.42
C THR A 258 -12.50 -29.10 -0.33
N ASN A 276 -20.84 -36.03 7.40
CA ASN A 276 -19.85 -35.87 6.29
C ASN A 276 -18.90 -37.08 6.30
N ALA A 277 -18.76 -37.74 5.14
CA ALA A 277 -17.98 -38.98 4.95
C ALA A 277 -16.73 -38.69 4.11
N PHE A 278 -16.49 -37.42 3.78
CA PHE A 278 -15.28 -36.93 3.06
C PHE A 278 -14.43 -36.05 3.99
N ILE A 279 -14.26 -36.48 5.24
CA ILE A 279 -13.44 -35.79 6.27
C ILE A 279 -12.18 -36.63 6.51
N LEU A 280 -11.01 -36.03 6.37
CA LEU A 280 -9.69 -36.72 6.45
C LEU A 280 -9.23 -36.81 7.92
N SER A 281 -9.06 -38.04 8.42
CA SER A 281 -8.52 -38.36 9.78
C SER A 281 -7.17 -39.08 9.62
N ASN A 282 -6.35 -39.12 10.67
CA ASN A 282 -5.19 -40.05 10.77
C ASN A 282 -5.69 -41.49 10.59
N LYS A 283 -6.91 -41.76 11.08
CA LYS A 283 -7.56 -43.10 10.94
C LYS A 283 -7.74 -43.40 9.44
N THR A 284 -8.30 -42.46 8.68
CA THR A 284 -8.62 -42.61 7.24
C THR A 284 -7.33 -42.81 6.44
N LEU A 285 -6.18 -42.37 6.96
CA LEU A 285 -4.89 -42.28 6.23
C LEU A 285 -4.03 -43.54 6.47
N GLU A 286 -4.43 -44.40 7.41
CA GLU A 286 -3.65 -45.59 7.83
C GLU A 286 -3.45 -46.56 6.65
N ASN A 287 -4.43 -46.67 5.74
CA ASN A 287 -4.39 -47.63 4.59
C ASN A 287 -4.10 -46.88 3.28
N THR A 288 -3.31 -45.81 3.35
CA THR A 288 -2.72 -45.15 2.15
C THR A 288 -1.27 -45.60 2.01
N ARG A 289 -0.64 -45.27 0.89
CA ARG A 289 0.79 -45.54 0.66
C ARG A 289 1.60 -44.69 1.66
N ASP A 290 2.81 -45.16 1.97
CA ASP A 290 3.78 -44.47 2.83
C ASP A 290 4.22 -43.17 2.16
N ASP A 291 4.20 -43.10 0.82
CA ASP A 291 4.74 -41.94 0.05
C ASP A 291 3.63 -40.91 -0.21
N THR A 292 2.39 -41.21 0.17
CA THR A 292 1.21 -40.36 -0.09
C THR A 292 1.47 -38.97 0.48
N LYS A 293 1.11 -37.94 -0.29
CA LYS A 293 1.15 -36.52 0.12
C LYS A 293 -0.27 -35.96 -0.06
N ILE A 294 -0.69 -35.17 0.92
CA ILE A 294 -2.05 -34.54 1.02
C ILE A 294 -1.93 -33.05 0.66
N LEU A 295 -2.65 -32.65 -0.38
CA LEU A 295 -2.83 -31.25 -0.81
C LEU A 295 -4.25 -30.79 -0.47
N HIS A 296 -4.40 -29.48 -0.29
CA HIS A 296 -5.65 -28.72 -0.09
C HIS A 296 -5.30 -27.28 -0.46
N PRO A 297 -6.05 -26.66 -1.41
CA PRO A 297 -5.76 -25.29 -1.86
C PRO A 297 -5.93 -24.28 -0.73
N LEU A 298 -6.74 -24.63 0.29
CA LEU A 298 -7.05 -23.88 1.53
C LEU A 298 -7.89 -22.65 1.14
N PRO A 299 -8.72 -22.05 2.03
CA PRO A 299 -8.86 -22.47 3.42
C PRO A 299 -9.69 -23.74 3.59
N ARG A 300 -9.34 -24.55 4.59
CA ARG A 300 -10.09 -25.73 5.03
C ARG A 300 -11.14 -25.27 6.04
N VAL A 301 -12.14 -26.12 6.28
CA VAL A 301 -13.07 -26.03 7.43
C VAL A 301 -12.87 -27.31 8.25
N ASN A 302 -13.62 -28.38 7.98
CA ASN A 302 -13.52 -29.67 8.69
C ASN A 302 -13.00 -30.77 7.74
N GLU A 303 -12.95 -30.54 6.42
CA GLU A 303 -12.54 -31.59 5.44
C GLU A 303 -11.22 -32.25 5.90
N ILE A 304 -10.36 -31.56 6.64
CA ILE A 304 -9.09 -32.13 7.20
C ILE A 304 -9.01 -31.73 8.67
N LYS A 305 -9.00 -32.72 9.57
CA LYS A 305 -8.87 -32.53 11.05
C LYS A 305 -7.44 -32.06 11.36
N VAL A 306 -7.32 -31.13 12.30
CA VAL A 306 -6.03 -30.53 12.77
C VAL A 306 -5.03 -31.63 13.14
N GLU A 307 -5.48 -32.85 13.47
CA GLU A 307 -4.57 -33.96 13.85
C GLU A 307 -3.68 -34.32 12.65
N VAL A 308 -4.19 -34.18 11.42
CA VAL A 308 -3.48 -34.56 10.16
C VAL A 308 -2.33 -33.57 9.89
N ASP A 309 -2.46 -32.35 10.39
CA ASP A 309 -1.51 -31.22 10.14
C ASP A 309 -0.18 -31.69 10.79
N SER A 310 -0.21 -32.65 11.70
CA SER A 310 0.95 -33.26 12.40
C SER A 310 1.50 -34.51 11.68
N ASN A 311 0.77 -35.04 10.69
CA ASN A 311 1.13 -36.26 9.92
C ASN A 311 2.10 -35.85 8.84
N PRO A 312 3.29 -36.48 8.71
CA PRO A 312 4.29 -36.08 7.70
C PRO A 312 3.81 -36.17 6.24
N LYS A 313 2.70 -36.85 5.98
CA LYS A 313 2.07 -36.93 4.62
C LYS A 313 1.38 -35.61 4.29
N SER A 314 1.01 -34.85 5.30
CA SER A 314 0.36 -33.52 5.24
C SER A 314 1.33 -32.50 4.65
N VAL A 315 1.02 -31.89 3.49
CA VAL A 315 1.90 -30.88 2.83
C VAL A 315 1.12 -29.64 2.36
N TYR A 316 -0.15 -29.47 2.75
CA TYR A 316 -1.01 -28.32 2.34
C TYR A 316 -0.35 -26.98 2.71
N PHE A 317 0.37 -26.87 3.82
CA PHE A 317 0.97 -25.55 4.21
C PHE A 317 2.23 -25.32 3.37
N THR A 318 3.01 -26.36 3.08
CA THR A 318 4.16 -26.22 2.15
C THR A 318 3.64 -25.79 0.77
N GLN A 319 2.46 -26.28 0.41
CA GLN A 319 1.76 -26.03 -0.89
C GLN A 319 1.46 -24.53 -1.02
N ALA A 320 0.72 -23.95 -0.07
CA ALA A 320 0.50 -22.50 0.09
C ALA A 320 1.83 -21.73 0.05
N GLU A 321 2.79 -22.13 0.85
CA GLU A 321 4.14 -21.55 0.84
C GLU A 321 4.67 -21.53 -0.61
N ASN A 322 4.55 -22.65 -1.33
CA ASN A 322 5.11 -22.78 -2.71
C ASN A 322 4.50 -21.76 -3.68
N GLY A 323 3.27 -21.31 -3.44
CA GLY A 323 2.67 -20.19 -4.17
C GLY A 323 3.59 -18.98 -4.26
N LEU A 324 4.40 -18.70 -3.23
CA LEU A 324 5.37 -17.58 -3.25
C LEU A 324 6.36 -17.85 -4.38
N TYR A 325 6.97 -19.03 -4.39
CA TYR A 325 8.09 -19.35 -5.31
C TYR A 325 7.61 -19.37 -6.74
N VAL A 326 6.38 -19.85 -6.92
CA VAL A 326 5.82 -20.07 -8.28
C VAL A 326 5.38 -18.72 -8.87
N ARG A 327 4.79 -17.82 -8.06
CA ARG A 327 4.38 -16.47 -8.52
C ARG A 327 5.62 -15.61 -8.78
N MET A 328 6.67 -15.73 -7.96
CA MET A 328 7.98 -15.05 -8.21
C MET A 328 8.51 -15.54 -9.56
N ALA A 329 8.53 -16.85 -9.78
CA ALA A 329 9.07 -17.46 -11.02
C ALA A 329 8.27 -16.91 -12.22
N LEU A 330 6.96 -16.92 -12.15
CA LEU A 330 6.12 -16.53 -13.30
C LEU A 330 6.35 -15.05 -13.64
N LEU A 331 6.36 -14.16 -12.60
CA LEU A 331 6.63 -12.71 -12.77
C LEU A 331 8.03 -12.52 -13.38
N TYR A 332 9.04 -13.22 -12.85
CA TYR A 332 10.44 -13.16 -13.35
C TYR A 332 10.46 -13.50 -14.83
N LEU A 333 9.84 -14.61 -15.19
CA LEU A 333 9.93 -15.18 -16.57
C LEU A 333 9.23 -14.23 -17.57
N ILE A 334 8.12 -13.62 -17.17
CA ILE A 334 7.26 -12.79 -18.05
C ILE A 334 7.83 -11.36 -18.16
N PHE A 335 8.21 -10.75 -17.03
CA PHE A 335 8.49 -9.29 -16.99
C PHE A 335 9.99 -9.00 -17.06
N SER A 336 10.86 -10.02 -16.98
CA SER A 336 12.32 -9.81 -17.02
C SER A 336 12.74 -9.30 -18.40
N SER A 337 13.97 -8.81 -18.49
CA SER A 337 14.51 -8.07 -19.67
C SER A 337 16.04 -8.22 -19.70
N THR A 338 16.51 -9.41 -20.09
CA THR A 338 17.86 -9.94 -19.70
C THR A 338 18.72 -10.25 -20.91
N SER A 343 23.28 -14.50 -14.71
CA SER A 343 22.26 -13.45 -14.48
C SER A 343 20.89 -14.04 -14.06
N HIS A 344 20.52 -15.25 -14.50
CA HIS A 344 19.28 -15.96 -14.01
C HIS A 344 19.46 -16.42 -12.56
N PRO A 345 18.38 -16.58 -11.78
CA PRO A 345 18.46 -17.18 -10.45
C PRO A 345 19.07 -18.59 -10.52
N GLN A 346 20.06 -18.86 -9.67
CA GLN A 346 20.76 -20.17 -9.64
C GLN A 346 21.33 -20.43 -8.23
N PHE A 347 20.90 -21.52 -7.59
CA PHE A 347 21.67 -22.30 -6.57
C PHE A 347 21.21 -21.91 -5.17
N PHE B 2 29.46 1.92 21.59
CA PHE B 2 28.09 2.53 21.65
C PHE B 2 27.75 2.96 23.10
N TYR B 3 27.24 4.18 23.28
CA TYR B 3 26.97 4.80 24.60
C TYR B 3 25.66 5.59 24.62
N ILE B 4 24.97 5.54 25.77
CA ILE B 4 23.71 6.28 26.05
C ILE B 4 23.88 7.04 27.38
N ASN B 5 23.26 8.21 27.50
CA ASN B 5 23.56 9.18 28.58
C ASN B 5 25.10 9.40 28.67
N SER B 6 25.87 9.05 27.62
CA SER B 6 27.36 8.87 27.60
C SER B 6 27.94 8.21 28.87
N LYS B 7 27.19 7.27 29.46
CA LYS B 7 27.37 6.71 30.82
C LYS B 7 27.20 5.19 30.75
N TYR B 8 26.19 4.70 30.01
CA TYR B 8 25.84 3.25 29.85
C TYR B 8 26.38 2.73 28.51
N LYS B 9 27.20 1.69 28.58
CA LYS B 9 27.88 1.10 27.39
C LYS B 9 26.96 0.02 26.81
N ILE B 10 26.69 0.09 25.50
CA ILE B 10 25.66 -0.75 24.80
C ILE B 10 26.42 -1.62 23.80
N ASP B 11 26.44 -2.94 24.01
CA ASP B 11 26.93 -3.90 22.99
C ASP B 11 25.74 -4.26 22.10
N LEU B 12 25.50 -3.46 21.06
CA LEU B 12 24.37 -3.70 20.11
C LEU B 12 24.60 -5.01 19.37
N ASP B 13 25.83 -5.41 19.05
CA ASP B 13 26.10 -6.77 18.49
C ASP B 13 25.45 -7.80 19.43
N LYS B 14 25.84 -7.78 20.71
CA LYS B 14 25.40 -8.79 21.71
C LYS B 14 23.87 -8.67 21.84
N ILE B 15 23.34 -7.45 21.96
CA ILE B 15 21.89 -7.26 22.27
C ILE B 15 21.03 -7.61 21.02
N MET B 16 21.56 -7.47 19.81
CA MET B 16 20.83 -7.81 18.56
C MET B 16 20.74 -9.33 18.40
N THR B 17 21.82 -10.08 18.70
CA THR B 17 21.86 -11.56 18.75
C THR B 17 20.71 -12.07 19.63
N LYS B 18 20.47 -11.44 20.75
CA LYS B 18 19.40 -11.82 21.72
C LYS B 18 18.01 -11.37 21.20
N MET B 19 17.94 -10.28 20.41
CA MET B 19 16.65 -9.65 20.01
C MET B 19 16.20 -10.19 18.67
N LYS B 20 17.13 -10.71 17.85
CA LYS B 20 16.88 -11.42 16.57
C LYS B 20 15.55 -12.19 16.66
N ASN B 21 14.59 -11.83 15.83
CA ASN B 21 13.35 -12.63 15.58
C ASN B 21 12.55 -12.81 16.86
N LYS B 22 12.70 -11.83 17.73
CA LYS B 22 11.85 -11.75 18.92
C LYS B 22 10.54 -11.09 18.47
N SER B 23 9.49 -11.61 19.03
CA SER B 23 8.11 -11.19 18.86
C SER B 23 7.85 -10.20 20.02
N VAL B 24 7.24 -9.04 19.78
CA VAL B 24 7.04 -8.05 20.87
C VAL B 24 5.54 -7.79 20.99
N ILE B 25 4.94 -8.38 22.01
CA ILE B 25 3.47 -8.40 22.28
C ILE B 25 3.17 -7.43 23.43
N ASN B 26 4.04 -7.44 24.43
CA ASN B 26 3.84 -6.83 25.77
C ASN B 26 5.15 -6.06 26.11
N ILE B 27 5.05 -4.96 26.85
CA ILE B 27 6.23 -4.17 27.32
C ILE B 27 7.16 -5.04 28.19
N ASP B 28 6.62 -6.06 28.87
CA ASP B 28 7.37 -7.07 29.67
C ASP B 28 8.25 -7.99 28.80
N ASP B 29 8.08 -8.00 27.48
CA ASP B 29 8.96 -8.76 26.56
C ASP B 29 10.25 -7.96 26.35
N VAL B 30 10.35 -6.74 26.87
CA VAL B 30 11.56 -5.88 26.75
C VAL B 30 12.24 -5.78 28.12
N ASP B 31 13.48 -6.27 28.24
CA ASP B 31 14.22 -6.20 29.52
C ASP B 31 15.05 -4.89 29.55
N ASP B 32 15.84 -4.67 30.59
CA ASP B 32 16.69 -3.45 30.75
C ASP B 32 17.64 -3.28 29.55
N GLU B 33 18.43 -4.28 29.17
CA GLU B 33 19.48 -4.10 28.13
C GLU B 33 18.80 -3.90 26.78
N GLU B 34 17.63 -4.48 26.57
CA GLU B 34 16.87 -4.31 25.31
C GLU B 34 16.32 -2.88 25.25
N LEU B 35 15.81 -2.38 26.38
CA LEU B 35 15.30 -1.00 26.49
C LEU B 35 16.44 -0.03 26.18
N LEU B 36 17.61 -0.24 26.75
CA LEU B 36 18.81 0.60 26.43
C LEU B 36 19.07 0.59 24.93
N ALA B 37 19.03 -0.58 24.29
CA ALA B 37 19.39 -0.74 22.86
C ALA B 37 18.36 0.03 22.01
N ILE B 38 17.08 -0.08 22.38
CA ILE B 38 15.97 0.62 21.69
C ILE B 38 16.17 2.14 21.81
N LEU B 39 16.54 2.66 22.99
CA LEU B 39 16.71 4.12 23.22
C LEU B 39 17.94 4.63 22.45
N TYR B 40 19.07 3.95 22.55
CA TYR B 40 20.28 4.36 21.78
C TYR B 40 19.96 4.36 20.27
N THR B 41 19.38 3.28 19.75
CA THR B 41 19.17 3.09 18.29
C THR B 41 18.15 4.13 17.80
N SER B 42 17.10 4.29 18.61
CA SER B 42 16.01 5.27 18.43
C SER B 42 16.60 6.70 18.25
N LYS B 43 17.55 7.09 19.11
CA LYS B 43 18.22 8.43 19.08
C LYS B 43 19.04 8.57 17.80
N GLN B 44 19.72 7.51 17.40
CA GLN B 44 20.53 7.51 16.13
C GLN B 44 19.61 7.78 14.93
N PHE B 45 18.41 7.21 14.92
CA PHE B 45 17.43 7.42 13.82
C PHE B 45 16.92 8.85 13.90
N GLU B 46 16.62 9.34 15.08
CA GLU B 46 16.20 10.74 15.26
C GLU B 46 17.24 11.64 14.58
N LYS B 47 18.52 11.46 14.92
CA LYS B 47 19.58 12.41 14.50
C LYS B 47 19.87 12.22 13.00
N ILE B 48 19.76 11.00 12.49
CA ILE B 48 20.02 10.72 11.04
C ILE B 48 18.90 11.35 10.19
N LEU B 49 17.62 11.13 10.55
CA LEU B 49 16.46 11.74 9.81
C LEU B 49 16.46 13.27 9.96
N LYS B 50 16.76 13.83 11.13
CA LYS B 50 16.72 15.31 11.31
C LYS B 50 17.84 15.98 10.51
N ASN B 51 18.91 15.24 10.17
CA ASN B 51 20.04 15.77 9.34
C ASN B 51 19.94 15.28 7.90
N ASN B 52 18.78 14.81 7.46
CA ASN B 52 18.46 14.46 6.04
C ASN B 52 19.42 13.40 5.50
N GLU B 53 19.82 12.46 6.33
CA GLU B 53 20.87 11.48 5.97
C GLU B 53 20.16 10.16 5.65
N ASP B 54 20.89 9.29 4.98
CA ASP B 54 20.47 7.92 4.58
C ASP B 54 19.98 7.16 5.83
N SER B 55 18.78 6.60 5.72
CA SER B 55 18.07 5.91 6.82
C SER B 55 17.91 4.41 6.50
N LYS B 56 18.55 3.92 5.46
CA LYS B 56 18.24 2.58 4.90
C LYS B 56 19.06 1.52 5.63
N TYR B 57 18.73 1.25 6.88
CA TYR B 57 19.50 0.33 7.76
C TYR B 57 18.89 -1.07 7.71
N LEU B 58 17.76 -1.24 7.03
CA LEU B 58 17.12 -2.57 6.86
C LEU B 58 16.38 -2.65 5.52
N GLU B 59 17.08 -3.00 4.45
CA GLU B 59 16.62 -2.90 3.04
C GLU B 59 15.87 -4.15 2.49
N ASN B 60 16.36 -5.35 2.78
CA ASN B 60 16.02 -6.52 1.92
C ASN B 60 14.78 -7.24 2.48
N LYS B 61 14.02 -6.61 3.37
CA LYS B 61 12.92 -7.25 4.13
C LYS B 61 11.53 -6.89 3.58
N VAL B 62 10.60 -7.79 3.74
CA VAL B 62 9.19 -7.61 3.30
C VAL B 62 8.32 -7.97 4.48
N PHE B 63 7.49 -7.02 4.92
CA PHE B 63 6.57 -7.22 6.07
C PHE B 63 5.16 -7.29 5.54
N CYS B 64 4.30 -7.83 6.37
CA CYS B 64 2.84 -7.68 6.22
C CYS B 64 2.34 -6.89 7.43
N SER B 65 1.56 -5.87 7.16
CA SER B 65 0.88 -5.08 8.21
C SER B 65 -0.61 -5.49 8.19
N VAL B 66 -1.10 -6.03 9.28
CA VAL B 66 -2.51 -6.46 9.45
C VAL B 66 -3.17 -5.60 10.54
N PHE B 67 -4.02 -4.65 10.13
CA PHE B 67 -4.77 -3.75 11.03
C PHE B 67 -6.24 -4.14 10.91
N LEU B 68 -6.79 -4.79 11.91
CA LEU B 68 -8.19 -5.32 11.89
C LEU B 68 -9.13 -4.39 12.67
N GLU B 69 -8.68 -3.18 12.95
CA GLU B 69 -9.51 -2.00 13.32
C GLU B 69 -8.82 -0.78 12.73
N PRO B 70 -9.57 0.28 12.42
CA PRO B 70 -8.97 1.56 12.06
C PRO B 70 -8.10 2.03 13.23
N SER B 71 -6.80 2.23 12.96
CA SER B 71 -5.84 2.98 13.77
C SER B 71 -4.78 3.48 12.80
N THR B 72 -5.28 4.25 11.85
CA THR B 72 -4.54 4.96 10.80
C THR B 72 -3.26 5.61 11.36
N ARG B 73 -3.26 6.37 12.46
CA ARG B 73 -2.00 7.04 12.90
C ARG B 73 -0.93 5.97 13.14
N THR B 74 -1.28 4.93 13.88
CA THR B 74 -0.31 3.87 14.28
C THR B 74 0.10 3.11 13.02
N ARG B 75 -0.87 2.80 12.15
CA ARG B 75 -0.59 2.07 10.90
C ARG B 75 0.41 2.82 10.02
N CYS B 76 0.16 4.10 9.76
CA CYS B 76 1.03 4.96 8.92
C CYS B 76 2.41 5.05 9.58
N SER B 77 2.44 5.09 10.89
CA SER B 77 3.71 5.24 11.64
C SER B 77 4.59 4.01 11.38
N PHE B 78 3.99 2.82 11.47
CA PHE B 78 4.69 1.55 11.16
C PHE B 78 5.09 1.45 9.67
N ASP B 79 4.22 1.84 8.76
CA ASP B 79 4.51 1.86 7.30
C ASP B 79 5.72 2.77 7.06
N ALA B 80 5.70 3.97 7.60
CA ALA B 80 6.76 4.97 7.40
C ALA B 80 8.09 4.41 7.91
N ALA B 81 8.07 3.74 9.05
CA ALA B 81 9.30 3.22 9.65
C ALA B 81 9.90 2.17 8.72
N ILE B 82 9.06 1.25 8.26
CA ILE B 82 9.47 0.15 7.36
C ILE B 82 10.06 0.77 6.09
N LEU B 83 9.29 1.64 5.47
CA LEU B 83 9.65 2.25 4.17
C LEU B 83 10.93 3.09 4.32
N LYS B 84 11.08 3.82 5.39
CA LYS B 84 12.22 4.75 5.62
C LYS B 84 13.50 3.93 5.91
N LEU B 85 13.34 2.71 6.46
CA LEU B 85 14.43 1.73 6.70
C LEU B 85 14.87 1.10 5.36
N GLY B 86 14.01 1.20 4.34
CA GLY B 86 14.32 0.77 2.97
C GLY B 86 13.68 -0.57 2.65
N SER B 87 12.88 -1.10 3.56
CA SER B 87 12.17 -2.38 3.31
C SER B 87 10.82 -2.10 2.68
N LYS B 88 9.99 -3.13 2.58
CA LYS B 88 8.72 -3.05 1.80
C LYS B 88 7.61 -3.65 2.64
N VAL B 89 6.37 -3.25 2.40
CA VAL B 89 5.23 -3.81 3.17
C VAL B 89 4.01 -4.00 2.28
N LEU B 90 3.28 -5.08 2.57
CA LEU B 90 1.94 -5.35 2.01
C LEU B 90 0.96 -5.14 3.16
N ASN B 91 -0.10 -4.40 2.88
CA ASN B 91 -1.06 -3.88 3.88
C ASN B 91 -2.36 -4.62 3.76
N ILE B 92 -2.89 -5.03 4.91
CA ILE B 92 -4.30 -5.46 5.10
C ILE B 92 -4.89 -4.47 6.10
N THR B 93 -5.77 -3.57 5.66
CA THR B 93 -6.49 -2.53 6.47
C THR B 93 -7.97 -2.54 6.07
N ASP B 94 -8.79 -1.66 6.68
CA ASP B 94 -10.26 -1.45 6.43
C ASP B 94 -10.99 -2.81 6.51
N MET B 95 -10.39 -3.82 7.15
CA MET B 95 -11.06 -5.12 7.46
C MET B 95 -11.19 -5.24 8.98
N ASN B 96 -12.02 -6.17 9.49
CA ASN B 96 -12.11 -6.58 10.92
C ASN B 96 -11.75 -8.05 11.06
N SER B 97 -11.84 -8.61 12.27
CA SER B 97 -11.81 -10.07 12.53
C SER B 97 -12.74 -10.79 11.55
N THR B 98 -14.06 -10.60 11.70
CA THR B 98 -15.08 -11.39 10.96
C THR B 98 -14.76 -11.39 9.45
N SER B 99 -14.56 -10.20 8.85
CA SER B 99 -14.41 -9.99 7.39
C SER B 99 -13.05 -10.50 6.85
N PHE B 100 -12.02 -10.51 7.69
CA PHE B 100 -10.64 -10.93 7.31
C PHE B 100 -10.48 -12.45 7.40
N TYR B 101 -10.98 -13.07 8.49
CA TYR B 101 -10.91 -14.52 8.80
C TYR B 101 -12.20 -15.20 8.32
N LYS B 102 -12.50 -15.06 7.02
CA LYS B 102 -13.82 -15.43 6.42
C LYS B 102 -14.16 -16.87 6.83
N GLY B 103 -14.42 -17.09 8.12
CA GLY B 103 -14.47 -18.43 8.73
C GLY B 103 -13.07 -18.87 9.14
N GLU B 104 -12.12 -18.91 8.20
CA GLU B 104 -10.80 -19.59 8.35
C GLU B 104 -10.20 -19.26 9.73
N THR B 105 -9.47 -20.20 10.33
CA THR B 105 -8.90 -20.08 11.70
C THR B 105 -7.77 -19.05 11.70
N VAL B 106 -7.59 -18.38 12.81
CA VAL B 106 -6.41 -17.49 13.02
C VAL B 106 -5.15 -18.36 12.79
N GLU B 107 -5.14 -19.57 13.32
CA GLU B 107 -3.95 -20.46 13.27
C GLU B 107 -3.53 -20.67 11.81
N ASP B 108 -4.45 -21.12 10.97
CA ASP B 108 -4.24 -21.39 9.53
C ASP B 108 -3.78 -20.10 8.85
N ALA B 109 -4.45 -18.99 9.15
CA ALA B 109 -4.19 -17.71 8.47
C ALA B 109 -2.75 -17.26 8.75
N PHE B 110 -2.26 -17.35 9.98
CA PHE B 110 -0.92 -16.84 10.34
C PHE B 110 0.11 -17.89 9.91
N LYS B 111 -0.25 -19.16 9.89
CA LYS B 111 0.65 -20.25 9.43
C LYS B 111 0.96 -20.01 7.95
N ILE B 112 -0.05 -19.59 7.20
CA ILE B 112 0.13 -19.26 5.75
C ILE B 112 0.91 -17.97 5.56
N LEU B 113 0.40 -16.86 6.13
CA LEU B 113 0.89 -15.50 5.81
C LEU B 113 2.37 -15.44 6.18
N SER B 114 2.70 -16.04 7.31
CA SER B 114 4.04 -16.23 7.92
C SER B 114 5.05 -16.78 6.90
N THR B 115 4.62 -17.61 5.96
CA THR B 115 5.49 -18.17 4.89
C THR B 115 5.73 -17.13 3.78
N TYR B 116 4.96 -16.03 3.72
CA TYR B 116 5.07 -15.03 2.63
C TYR B 116 6.09 -13.93 2.97
N VAL B 117 6.39 -13.70 4.25
CA VAL B 117 7.01 -12.40 4.72
C VAL B 117 8.06 -12.68 5.80
N ASP B 118 8.87 -11.67 6.14
CA ASP B 118 9.91 -11.72 7.23
C ASP B 118 9.35 -11.37 8.60
N GLY B 119 8.24 -10.64 8.66
CA GLY B 119 7.57 -10.34 9.93
C GLY B 119 6.20 -9.74 9.70
N ILE B 120 5.41 -9.66 10.75
CA ILE B 120 4.02 -9.17 10.67
C ILE B 120 3.84 -8.11 11.76
N ILE B 121 3.26 -6.95 11.37
CA ILE B 121 2.67 -5.93 12.27
C ILE B 121 1.18 -6.28 12.39
N TYR B 122 0.66 -6.44 13.59
CA TYR B 122 -0.71 -6.93 13.82
C TYR B 122 -1.35 -6.04 14.89
N ARG B 123 -2.48 -5.44 14.52
CA ARG B 123 -3.40 -4.69 15.38
C ARG B 123 -4.73 -5.41 15.32
N ASP B 124 -5.30 -5.75 16.47
CA ASP B 124 -6.61 -6.43 16.55
C ASP B 124 -7.22 -6.13 17.92
N PRO B 125 -8.44 -5.62 17.99
CA PRO B 125 -9.09 -5.40 19.29
C PRO B 125 -9.10 -6.66 20.19
N SER B 126 -9.29 -7.86 19.64
CA SER B 126 -9.21 -9.15 20.39
C SER B 126 -7.79 -9.41 20.96
N LYS B 127 -7.65 -9.74 22.24
CA LYS B 127 -6.31 -10.17 22.78
C LYS B 127 -6.06 -11.64 22.45
N LYS B 128 -7.13 -12.44 22.47
CA LYS B 128 -7.07 -13.85 22.03
C LYS B 128 -6.25 -13.90 20.72
N ASN B 129 -6.67 -13.19 19.69
CA ASN B 129 -6.12 -13.34 18.30
C ASN B 129 -4.61 -13.10 18.24
N VAL B 130 -4.06 -12.09 18.92
CA VAL B 130 -2.62 -11.73 18.82
C VAL B 130 -1.82 -12.88 19.44
N ASP B 131 -2.33 -13.52 20.50
CA ASP B 131 -1.60 -14.64 21.11
C ASP B 131 -1.71 -15.89 20.23
N ILE B 132 -2.86 -16.12 19.60
CA ILE B 132 -3.00 -17.24 18.62
C ILE B 132 -2.05 -17.00 17.45
N ALA B 133 -1.97 -15.76 16.97
CA ALA B 133 -1.08 -15.35 15.88
C ALA B 133 0.36 -15.67 16.26
N VAL B 134 0.73 -15.45 17.52
CA VAL B 134 2.14 -15.62 17.94
C VAL B 134 2.47 -17.13 17.99
N SER B 135 1.53 -17.95 18.42
CA SER B 135 1.72 -19.40 18.54
C SER B 135 1.66 -20.09 17.16
N SER B 136 1.06 -19.48 16.13
CA SER B 136 0.85 -20.08 14.78
C SER B 136 1.88 -19.58 13.75
N SER B 137 2.51 -18.43 14.03
CA SER B 137 3.40 -17.71 13.07
C SER B 137 4.81 -18.31 13.14
N SER B 138 5.45 -18.53 12.00
CA SER B 138 6.86 -18.93 11.93
C SER B 138 7.73 -17.67 11.86
N LYS B 139 7.13 -16.50 11.98
CA LYS B 139 7.90 -15.22 11.94
C LYS B 139 7.50 -14.30 13.09
N PRO B 140 8.40 -13.36 13.44
CA PRO B 140 8.15 -12.44 14.53
C PRO B 140 6.92 -11.57 14.26
N ILE B 141 6.17 -11.33 15.31
CA ILE B 141 5.00 -10.41 15.34
C ILE B 141 5.32 -9.22 16.25
N ILE B 142 5.02 -8.02 15.76
CA ILE B 142 4.93 -6.82 16.60
C ILE B 142 3.44 -6.47 16.78
N ASN B 143 2.94 -6.60 18.01
CA ASN B 143 1.64 -6.05 18.48
C ASN B 143 1.65 -4.53 18.34
N ALA B 144 0.81 -4.01 17.46
CA ALA B 144 0.58 -2.57 17.26
C ALA B 144 -0.63 -2.12 18.06
N GLY B 145 -1.17 -2.99 18.92
CA GLY B 145 -2.25 -2.68 19.85
C GLY B 145 -3.31 -3.75 19.87
N ASN B 146 -3.73 -4.18 21.05
CA ASN B 146 -4.92 -5.06 21.22
C ASN B 146 -5.74 -4.53 22.40
N GLY B 147 -6.93 -5.11 22.59
CA GLY B 147 -7.92 -4.71 23.62
C GLY B 147 -7.61 -5.15 25.05
N THR B 148 -6.47 -5.80 25.31
CA THR B 148 -5.91 -6.01 26.67
C THR B 148 -5.17 -4.75 27.11
N GLY B 149 -5.08 -3.77 26.20
CA GLY B 149 -4.28 -2.55 26.42
C GLY B 149 -2.80 -2.81 26.24
N GLU B 150 -2.39 -3.93 25.65
CA GLU B 150 -0.98 -4.14 25.24
C GLU B 150 -0.76 -3.35 23.95
N HIS B 151 0.25 -2.49 23.98
CA HIS B 151 0.65 -1.53 22.93
C HIS B 151 2.12 -1.17 23.18
N PRO B 152 3.03 -2.14 23.08
CA PRO B 152 4.41 -1.93 23.50
C PRO B 152 5.08 -0.73 22.83
N THR B 153 4.90 -0.49 21.53
CA THR B 153 5.64 0.62 20.88
C THR B 153 5.10 1.96 21.40
N GLN B 154 3.83 2.08 21.80
CA GLN B 154 3.30 3.36 22.38
C GLN B 154 4.04 3.66 23.69
N SER B 155 4.18 2.62 24.49
CA SER B 155 4.84 2.54 25.81
C SER B 155 6.32 2.90 25.62
N LEU B 156 6.93 2.31 24.62
CA LEU B 156 8.35 2.50 24.26
C LEU B 156 8.64 3.95 23.86
N LEU B 157 7.74 4.54 23.09
CA LEU B 157 7.83 5.90 22.47
C LEU B 157 7.54 6.93 23.56
N ASP B 158 6.56 6.64 24.41
CA ASP B 158 6.28 7.42 25.66
C ASP B 158 7.57 7.49 26.50
N PHE B 159 8.24 6.35 26.71
CA PHE B 159 9.46 6.31 27.56
C PHE B 159 10.59 7.08 26.90
N TYR B 160 10.80 6.90 25.59
CA TYR B 160 11.87 7.59 24.82
C TYR B 160 11.69 9.11 24.98
N THR B 161 10.46 9.59 24.86
CA THR B 161 10.12 11.03 24.97
C THR B 161 10.52 11.54 26.36
N ILE B 162 10.09 10.85 27.42
CA ILE B 162 10.41 11.20 28.84
C ILE B 162 11.93 11.19 29.07
N HIS B 163 12.62 10.12 28.67
CA HIS B 163 14.08 9.95 28.85
C HIS B 163 14.82 11.08 28.14
N ASN B 164 14.23 11.62 27.07
CA ASN B 164 14.87 12.69 26.26
C ASN B 164 15.06 13.93 27.11
N TYR B 165 14.09 14.26 27.97
CA TYR B 165 14.08 15.48 28.84
C TYR B 165 14.60 15.16 30.25
N PHE B 166 14.49 13.92 30.73
CA PHE B 166 14.87 13.52 32.11
C PHE B 166 15.70 12.24 32.04
N PRO B 167 16.92 12.30 31.47
CA PRO B 167 17.69 11.07 31.19
C PRO B 167 18.03 10.28 32.45
N PHE B 168 17.95 10.92 33.61
CA PHE B 168 18.31 10.33 34.93
C PHE B 168 17.32 9.21 35.29
N ILE B 169 16.13 9.15 34.68
CA ILE B 169 15.15 8.06 34.95
C ILE B 169 15.76 6.68 34.69
N LEU B 170 16.81 6.59 33.88
CA LEU B 170 17.52 5.31 33.64
C LEU B 170 18.39 4.92 34.83
N ASP B 171 18.80 5.88 35.64
CA ASP B 171 19.95 5.68 36.57
C ASP B 171 19.56 4.78 37.73
N ARG B 172 18.29 4.65 38.07
CA ARG B 172 17.87 3.98 39.34
C ARG B 172 18.70 4.57 40.49
N ASN B 173 18.76 5.90 40.56
CA ASN B 173 19.50 6.66 41.62
C ASN B 173 18.48 7.09 42.68
N ILE B 174 18.65 6.67 43.92
CA ILE B 174 17.68 6.99 45.02
C ILE B 174 17.47 8.52 45.12
N ASN B 175 18.45 9.31 44.71
CA ASN B 175 18.50 10.79 44.84
C ASN B 175 17.89 11.48 43.62
N LYS B 176 17.64 10.77 42.52
CA LYS B 176 17.14 11.35 41.25
C LYS B 176 15.83 10.65 40.87
N LYS B 177 14.73 11.13 41.44
CA LYS B 177 13.35 10.59 41.30
C LYS B 177 12.61 11.40 40.23
N LEU B 178 11.88 10.71 39.32
CA LEU B 178 10.95 11.39 38.39
C LEU B 178 9.51 11.32 38.95
N ASN B 179 8.81 12.44 38.91
CA ASN B 179 7.43 12.59 39.39
C ASN B 179 6.57 12.79 38.15
N ILE B 180 5.52 11.99 38.01
CA ILE B 180 4.65 12.05 36.80
C ILE B 180 3.21 12.10 37.30
N ALA B 181 2.38 12.92 36.66
CA ALA B 181 0.91 12.95 36.82
C ALA B 181 0.29 12.32 35.56
N PHE B 182 -0.58 11.32 35.76
CA PHE B 182 -1.50 10.75 34.76
C PHE B 182 -2.88 11.36 35.01
N VAL B 183 -3.41 12.05 34.01
CA VAL B 183 -4.66 12.87 34.11
C VAL B 183 -5.71 12.30 33.17
N GLY B 184 -6.91 12.03 33.71
CA GLY B 184 -8.16 11.90 32.94
C GLY B 184 -8.84 10.58 33.21
N ASP B 185 -8.90 9.73 32.18
CA ASP B 185 -9.58 8.40 32.22
C ASP B 185 -8.52 7.34 32.48
N LEU B 186 -8.22 7.11 33.76
CA LEU B 186 -7.15 6.19 34.21
C LEU B 186 -7.70 4.76 34.19
N LYS B 187 -9.03 4.61 34.23
CA LYS B 187 -9.70 3.29 34.08
C LYS B 187 -9.48 2.76 32.65
N ASN B 188 -9.82 3.55 31.61
CA ASN B 188 -9.86 3.06 30.20
C ASN B 188 -8.63 3.55 29.40
N GLY B 189 -7.80 4.43 29.94
CA GLY B 189 -6.56 4.89 29.29
C GLY B 189 -5.45 3.85 29.46
N ARG B 190 -5.41 2.85 28.57
CA ARG B 190 -4.59 1.64 28.80
C ARG B 190 -3.13 2.00 28.52
N THR B 191 -2.89 3.13 27.85
CA THR B 191 -1.55 3.66 27.56
C THR B 191 -0.92 4.06 28.89
N VAL B 192 -1.76 4.47 29.85
CA VAL B 192 -1.34 4.76 31.25
C VAL B 192 -0.87 3.44 31.90
N HIS B 193 -1.66 2.38 31.75
CA HIS B 193 -1.44 1.08 32.40
C HIS B 193 -0.05 0.59 31.96
N SER B 194 0.20 0.59 30.67
CA SER B 194 1.42 0.02 30.06
C SER B 194 2.66 0.86 30.46
N LEU B 195 2.57 2.18 30.33
CA LEU B 195 3.69 3.11 30.63
C LEU B 195 3.99 3.04 32.15
N SER B 196 2.95 3.01 32.99
CA SER B 196 3.06 2.92 34.45
C SER B 196 3.92 1.71 34.82
N LYS B 197 3.56 0.55 34.28
CA LYS B 197 4.29 -0.74 34.43
C LYS B 197 5.77 -0.58 34.10
N LEU B 198 6.12 0.11 33.01
CA LEU B 198 7.53 0.28 32.58
C LEU B 198 8.23 1.31 33.49
N LEU B 199 7.57 2.44 33.78
CA LEU B 199 8.13 3.55 34.60
C LEU B 199 8.43 3.00 36.00
N SER B 200 7.54 2.12 36.43
CA SER B 200 7.56 1.42 37.72
C SER B 200 8.88 0.64 37.94
N ARG B 201 9.65 0.39 36.88
CA ARG B 201 10.93 -0.38 36.95
C ARG B 201 12.05 0.58 37.37
N TYR B 202 11.73 1.85 37.53
CA TYR B 202 12.70 2.93 37.80
C TYR B 202 12.23 3.69 39.05
N ASN B 203 12.98 4.74 39.39
CA ASN B 203 12.72 5.56 40.60
C ASN B 203 11.70 6.62 40.20
N VAL B 204 10.42 6.32 40.38
CA VAL B 204 9.30 7.16 39.85
C VAL B 204 8.20 7.26 40.90
N SER B 205 7.65 8.46 41.10
CA SER B 205 6.41 8.71 41.92
C SER B 205 5.29 9.13 40.96
N PHE B 206 4.07 8.71 41.28
CA PHE B 206 2.88 8.74 40.41
C PHE B 206 1.81 9.55 41.10
N ASN B 207 1.41 10.64 40.45
CA ASN B 207 0.12 11.33 40.71
C ASN B 207 -0.98 10.80 39.78
N PHE B 208 -2.00 10.15 40.30
CA PHE B 208 -3.17 9.64 39.53
C PHE B 208 -4.35 10.60 39.74
N VAL B 209 -4.62 11.39 38.69
CA VAL B 209 -5.60 12.52 38.68
C VAL B 209 -6.84 12.09 37.88
N SER B 210 -7.97 11.83 38.55
CA SER B 210 -9.20 11.25 37.97
C SER B 210 -10.42 11.48 38.90
N CYS B 211 -11.63 11.16 38.44
CA CYS B 211 -12.92 11.40 39.13
C CYS B 211 -13.59 10.05 39.45
N LYS B 212 -13.10 9.43 40.54
CA LYS B 212 -13.51 8.14 41.20
C LYS B 212 -13.90 7.05 40.19
N SER B 213 -15.02 7.25 39.52
CA SER B 213 -15.60 6.29 38.53
C SER B 213 -14.51 5.82 37.56
N LEU B 214 -13.50 6.67 37.30
CA LEU B 214 -12.49 6.47 36.21
C LEU B 214 -11.04 6.43 36.75
N ASN B 215 -10.88 5.98 37.99
CA ASN B 215 -9.57 5.88 38.69
C ASN B 215 -8.72 4.78 38.07
N ILE B 216 -7.42 4.83 38.33
CA ILE B 216 -6.46 3.74 37.97
C ILE B 216 -6.95 2.44 38.62
N PRO B 217 -6.94 1.27 37.95
CA PRO B 217 -7.35 0.01 38.60
C PRO B 217 -6.33 -0.48 39.65
N LYS B 218 -6.80 -1.06 40.75
CA LYS B 218 -5.95 -1.59 41.85
C LYS B 218 -4.94 -2.59 41.29
N ASP B 219 -5.34 -3.33 40.24
CA ASP B 219 -4.54 -4.18 39.31
C ASP B 219 -3.15 -3.56 39.05
N ILE B 220 -3.17 -2.33 38.52
CA ILE B 220 -1.98 -1.60 37.99
C ILE B 220 -1.22 -1.00 39.18
N VAL B 221 -1.96 -0.55 40.21
CA VAL B 221 -1.34 0.00 41.45
C VAL B 221 -0.52 -1.09 42.14
N ASN B 222 -1.06 -2.30 42.24
CA ASN B 222 -0.32 -3.47 42.78
C ASN B 222 0.95 -3.71 41.97
N THR B 223 0.88 -3.66 40.64
CA THR B 223 2.06 -3.94 39.76
C THR B 223 3.09 -2.83 40.01
N ILE B 224 2.65 -1.57 40.06
CA ILE B 224 3.53 -0.39 40.31
C ILE B 224 4.27 -0.62 41.64
N THR B 225 3.53 -0.98 42.68
CA THR B 225 3.99 -1.18 44.08
C THR B 225 5.02 -2.32 44.12
N TYR B 226 4.69 -3.49 43.57
CA TYR B 226 5.61 -4.64 43.52
C TYR B 226 6.94 -4.21 42.87
N ASN B 227 6.88 -3.53 41.72
CA ASN B 227 8.07 -3.11 40.94
C ASN B 227 8.90 -2.05 41.71
N LEU B 228 8.28 -1.08 42.39
CA LEU B 228 9.04 -0.04 43.15
C LEU B 228 9.71 -0.73 44.35
N LYS B 229 8.98 -1.59 45.06
CA LYS B 229 9.52 -2.37 46.20
C LYS B 229 10.76 -3.19 45.74
N LYS B 230 10.70 -3.89 44.60
CA LYS B 230 11.82 -4.78 44.14
C LYS B 230 13.10 -3.93 44.01
N ASN B 231 12.99 -2.64 43.69
CA ASN B 231 14.16 -1.73 43.51
C ASN B 231 14.33 -0.78 44.70
N ASN B 232 13.58 -1.03 45.77
CA ASN B 232 13.73 -0.26 47.02
C ASN B 232 13.55 1.23 46.69
N PHE B 233 12.49 1.58 45.94
CA PHE B 233 12.04 2.97 45.69
C PHE B 233 10.59 3.18 46.17
N TYR B 234 10.01 2.25 46.93
CA TYR B 234 8.61 2.39 47.40
C TYR B 234 8.58 3.16 48.73
N SER B 235 7.65 4.11 48.81
CA SER B 235 7.27 4.83 50.07
C SER B 235 5.78 5.16 50.01
N ASP B 236 5.25 5.78 51.07
CA ASP B 236 3.81 6.13 51.19
C ASP B 236 3.57 7.34 50.28
N ASP B 237 4.64 7.94 49.77
CA ASP B 237 4.62 9.07 48.81
C ASP B 237 4.75 8.56 47.36
N SER B 238 4.93 7.26 47.12
CA SER B 238 5.16 6.68 45.77
C SER B 238 3.95 6.91 44.88
N ILE B 239 2.74 6.67 45.40
CA ILE B 239 1.46 6.73 44.65
C ILE B 239 0.50 7.64 45.41
N LYS B 240 0.11 8.76 44.81
CA LYS B 240 -0.82 9.75 45.42
C LYS B 240 -2.03 9.91 44.48
N TYR B 241 -3.21 10.15 45.03
CA TYR B 241 -4.49 10.31 44.30
C TYR B 241 -5.08 11.69 44.55
N PHE B 242 -5.51 12.35 43.48
CA PHE B 242 -6.15 13.69 43.44
C PHE B 242 -7.36 13.65 42.50
N ASP B 243 -8.29 14.59 42.68
CA ASP B 243 -9.53 14.68 41.87
C ASP B 243 -9.56 16.04 41.15
N ASN B 244 -8.40 16.72 41.08
CA ASN B 244 -8.27 18.13 40.62
C ASN B 244 -6.82 18.43 40.24
N LEU B 245 -6.65 19.30 39.23
CA LEU B 245 -5.37 19.63 38.53
C LEU B 245 -4.44 20.40 39.45
N GLU B 246 -4.99 21.43 40.09
CA GLU B 246 -4.30 22.38 41.00
C GLU B 246 -3.35 21.59 41.91
N GLU B 247 -3.85 20.54 42.56
CA GLU B 247 -3.07 19.64 43.46
C GLU B 247 -2.34 18.57 42.61
N GLY B 248 -3.03 18.02 41.62
CA GLY B 248 -2.50 16.98 40.71
C GLY B 248 -1.20 17.35 40.04
N LEU B 249 -1.02 18.63 39.66
CA LEU B 249 0.04 19.07 38.72
C LEU B 249 1.25 19.70 39.42
N GLU B 250 1.28 19.79 40.76
CA GLU B 250 2.42 20.38 41.52
C GLU B 250 3.58 19.38 41.54
N ASP B 251 4.82 19.86 41.38
CA ASP B 251 6.09 19.11 41.56
C ASP B 251 6.06 17.78 40.77
N VAL B 252 5.54 17.77 39.54
CA VAL B 252 5.64 16.62 38.58
C VAL B 252 6.44 17.04 37.33
N HIS B 253 7.47 16.29 36.96
CA HIS B 253 8.31 16.48 35.75
C HIS B 253 7.48 16.20 34.49
N ILE B 254 6.48 15.35 34.59
CA ILE B 254 5.71 14.91 33.39
C ILE B 254 4.23 15.02 33.70
N ILE B 255 3.50 15.65 32.80
CA ILE B 255 2.01 15.56 32.73
C ILE B 255 1.67 14.74 31.49
N TYR B 256 0.98 13.63 31.70
CA TYR B 256 0.50 12.72 30.63
C TYR B 256 -1.02 12.74 30.65
N MET B 257 -1.60 13.47 29.69
CA MET B 257 -3.06 13.62 29.52
C MET B 257 -3.56 12.40 28.76
N THR B 258 -4.75 11.90 29.09
CA THR B 258 -5.43 10.81 28.37
C THR B 258 -6.62 11.36 27.58
N ARG B 259 -7.13 10.51 26.69
CA ARG B 259 -8.40 10.68 25.98
C ARG B 259 -9.52 10.52 27.02
N ILE B 260 -10.40 11.51 27.06
CA ILE B 260 -11.74 11.44 27.70
C ILE B 260 -12.75 11.31 26.55
N GLN B 261 -13.08 10.06 26.17
CA GLN B 261 -14.09 9.68 25.13
C GLN B 261 -15.51 9.82 25.69
N LYS B 262 -16.40 10.35 24.87
CA LYS B 262 -17.81 10.67 25.21
C LYS B 262 -18.57 9.35 25.48
N GLU B 263 -18.26 8.28 24.72
CA GLU B 263 -18.94 6.95 24.75
C GLU B 263 -18.81 6.30 26.14
N ARG B 264 -18.11 6.94 27.10
CA ARG B 264 -17.67 6.29 28.36
C ARG B 264 -18.50 6.73 29.58
N PHE B 265 -19.35 7.74 29.43
CA PHE B 265 -20.19 8.32 30.51
C PHE B 265 -21.62 7.78 30.38
N THR B 266 -22.48 8.15 31.31
CA THR B 266 -23.92 7.76 31.31
C THR B 266 -24.65 8.64 30.29
N ASP B 267 -24.18 9.89 30.15
CA ASP B 267 -24.83 10.95 29.32
C ASP B 267 -23.75 11.96 28.94
N VAL B 268 -24.15 12.98 28.18
CA VAL B 268 -23.32 14.16 27.82
C VAL B 268 -23.30 15.13 29.01
N ASP B 269 -24.23 15.00 29.98
CA ASP B 269 -24.15 15.67 31.32
C ASP B 269 -22.76 15.37 31.91
N GLU B 270 -22.54 14.14 32.37
CA GLU B 270 -21.29 13.75 33.08
C GLU B 270 -20.10 14.18 32.22
N TYR B 271 -20.12 13.86 30.91
CA TYR B 271 -19.00 14.02 29.94
C TYR B 271 -18.45 15.44 30.03
N ASN B 272 -19.28 16.45 29.77
CA ASN B 272 -18.85 17.87 29.74
C ASN B 272 -18.51 18.32 31.16
N GLN B 273 -19.10 17.71 32.21
CA GLN B 273 -18.73 17.98 33.64
C GLN B 273 -17.38 17.28 33.95
N TYR B 274 -16.91 16.35 33.12
CA TYR B 274 -15.61 15.64 33.26
C TYR B 274 -14.56 16.30 32.35
N LYS B 275 -14.77 16.27 31.02
CA LYS B 275 -14.14 17.22 30.07
C LYS B 275 -14.47 18.64 30.52
N ASN B 276 -13.46 19.52 30.64
CA ASN B 276 -13.58 20.92 31.14
C ASN B 276 -13.20 20.97 32.63
N ALA B 277 -13.36 19.88 33.38
CA ALA B 277 -12.80 19.67 34.74
C ALA B 277 -11.29 19.48 34.64
N PHE B 278 -10.87 18.58 33.74
CA PHE B 278 -9.44 18.20 33.55
C PHE B 278 -8.90 18.80 32.24
N ILE B 279 -9.54 19.82 31.66
CA ILE B 279 -9.03 20.43 30.39
C ILE B 279 -7.76 21.24 30.70
N LEU B 280 -6.69 21.02 29.93
CA LEU B 280 -5.37 21.68 30.16
C LEU B 280 -5.32 23.07 29.49
N SER B 281 -5.13 24.13 30.30
CA SER B 281 -4.95 25.54 29.88
C SER B 281 -3.53 26.00 30.23
N ASN B 282 -3.07 27.07 29.57
CA ASN B 282 -1.89 27.86 30.00
C ASN B 282 -2.07 28.28 31.46
N LYS B 283 -3.31 28.56 31.87
CA LYS B 283 -3.66 28.98 33.25
C LYS B 283 -3.33 27.83 34.19
N THR B 284 -3.78 26.62 33.85
CA THR B 284 -3.60 25.39 34.67
C THR B 284 -2.10 25.08 34.84
N LEU B 285 -1.27 25.55 33.92
CA LEU B 285 0.17 25.17 33.81
C LEU B 285 1.08 26.15 34.50
N GLU B 286 0.56 27.30 34.94
CA GLU B 286 1.35 28.43 35.52
C GLU B 286 2.06 27.98 36.82
N ASN B 287 1.41 27.10 37.61
CA ASN B 287 1.95 26.57 38.89
C ASN B 287 2.43 25.13 38.73
N THR B 288 3.02 24.79 37.58
CA THR B 288 3.81 23.55 37.40
C THR B 288 5.29 23.91 37.46
N ARG B 289 6.17 22.89 37.51
CA ARG B 289 7.63 23.07 37.45
C ARG B 289 7.97 23.70 36.10
N ASP B 290 9.09 24.43 36.06
CA ASP B 290 9.57 25.10 34.82
C ASP B 290 9.99 24.02 33.83
N ASP B 291 10.40 22.84 34.28
CA ASP B 291 10.98 21.77 33.41
C ASP B 291 9.89 20.77 32.99
N THR B 292 8.64 20.95 33.46
CA THR B 292 7.49 20.07 33.16
C THR B 292 7.34 19.92 31.65
N LYS B 293 7.11 18.69 31.21
CA LYS B 293 6.85 18.33 29.79
C LYS B 293 5.49 17.63 29.76
N ILE B 294 4.67 18.01 28.77
CA ILE B 294 3.26 17.55 28.59
C ILE B 294 3.22 16.49 27.47
N LEU B 295 2.79 15.29 27.80
CA LEU B 295 2.60 14.16 26.85
C LEU B 295 1.10 13.91 26.73
N HIS B 296 0.72 13.42 25.55
CA HIS B 296 -0.63 12.95 25.18
C HIS B 296 -0.42 11.98 24.01
N PRO B 297 -0.93 10.74 24.12
CA PRO B 297 -0.74 9.73 23.07
C PRO B 297 -1.45 10.13 21.78
N LEU B 298 -2.44 11.03 21.87
CA LEU B 298 -3.22 11.68 20.78
C LEU B 298 -4.18 10.65 20.20
N PRO B 299 -5.30 10.99 19.54
CA PRO B 299 -5.69 12.38 19.24
C PRO B 299 -6.23 13.07 20.48
N ARG B 300 -5.79 14.31 20.70
CA ARG B 300 -6.39 15.21 21.69
C ARG B 300 -7.63 15.81 21.03
N VAL B 301 -8.63 16.08 21.85
CA VAL B 301 -9.94 16.64 21.43
C VAL B 301 -10.08 18.00 22.12
N ASN B 302 -10.63 18.06 23.33
CA ASN B 302 -10.58 19.30 24.15
C ASN B 302 -9.65 19.14 25.37
N GLU B 303 -9.23 17.91 25.71
CA GLU B 303 -8.30 17.61 26.85
C GLU B 303 -7.20 18.67 26.97
N ILE B 304 -6.67 19.14 25.85
CA ILE B 304 -5.60 20.17 25.80
C ILE B 304 -6.00 21.25 24.79
N LYS B 305 -6.17 22.49 25.25
CA LYS B 305 -6.53 23.65 24.40
C LYS B 305 -5.33 24.00 23.51
N VAL B 306 -5.64 24.40 22.28
CA VAL B 306 -4.68 24.74 21.19
C VAL B 306 -3.66 25.79 21.68
N GLU B 307 -4.00 26.58 22.68
CA GLU B 307 -3.11 27.64 23.21
C GLU B 307 -1.85 26.98 23.81
N VAL B 308 -1.97 25.76 24.37
CA VAL B 308 -0.85 25.03 25.05
C VAL B 308 0.18 24.59 24.00
N ASP B 309 -0.25 24.38 22.75
CA ASP B 309 0.64 23.91 21.64
C ASP B 309 1.79 24.90 21.50
N SER B 310 1.54 26.13 21.91
CA SER B 310 2.47 27.29 21.83
C SER B 310 3.36 27.40 23.09
N ASN B 311 3.03 26.67 24.14
CA ASN B 311 3.76 26.64 25.43
C ASN B 311 4.95 25.71 25.27
N PRO B 312 6.20 26.14 25.57
CA PRO B 312 7.39 25.30 25.38
C PRO B 312 7.40 23.97 26.15
N LYS B 313 6.51 23.82 27.12
CA LYS B 313 6.42 22.63 27.99
C LYS B 313 5.62 21.54 27.22
N SER B 314 4.86 21.95 26.21
CA SER B 314 4.08 21.10 25.29
C SER B 314 5.01 20.27 24.38
N VAL B 315 5.00 18.93 24.45
CA VAL B 315 5.86 18.04 23.59
C VAL B 315 5.06 16.88 22.94
N TYR B 316 3.72 16.87 23.01
CA TYR B 316 2.86 15.76 22.52
C TYR B 316 3.10 15.49 21.03
N PHE B 317 3.38 16.49 20.21
CA PHE B 317 3.62 16.27 18.76
C PHE B 317 5.03 15.73 18.55
N THR B 318 6.02 16.17 19.31
CA THR B 318 7.38 15.57 19.25
C THR B 318 7.25 14.08 19.63
N GLN B 319 6.37 13.78 20.58
CA GLN B 319 6.07 12.41 21.10
C GLN B 319 5.60 11.53 19.95
N ALA B 320 4.50 11.90 19.27
CA ALA B 320 4.00 11.27 18.02
C ALA B 320 5.16 11.10 17.00
N GLU B 321 5.87 12.17 16.71
CA GLU B 321 7.03 12.14 15.80
C GLU B 321 8.00 11.06 16.27
N ASN B 322 8.30 10.97 17.57
CA ASN B 322 9.29 9.98 18.13
C ASN B 322 8.88 8.52 17.86
N GLY B 323 7.58 8.24 17.74
CA GLY B 323 7.09 6.93 17.30
C GLY B 323 7.81 6.44 16.03
N LEU B 324 8.14 7.33 15.09
CA LEU B 324 8.82 6.92 13.84
C LEU B 324 10.17 6.33 14.24
N TYR B 325 10.96 7.06 15.03
CA TYR B 325 12.34 6.66 15.37
C TYR B 325 12.35 5.35 16.18
N VAL B 326 11.38 5.20 17.07
CA VAL B 326 11.33 4.06 18.02
C VAL B 326 10.87 2.79 17.28
N ARG B 327 9.93 2.91 16.35
CA ARG B 327 9.46 1.76 15.49
C ARG B 327 10.56 1.35 14.51
N MET B 328 11.29 2.31 13.94
CA MET B 328 12.49 2.03 13.09
C MET B 328 13.50 1.25 13.93
N ALA B 329 13.78 1.71 15.15
CA ALA B 329 14.79 1.08 16.05
C ALA B 329 14.38 -0.34 16.33
N LEU B 330 13.11 -0.55 16.71
CA LEU B 330 12.64 -1.90 17.13
C LEU B 330 12.73 -2.86 15.94
N LEU B 331 12.31 -2.41 14.75
CA LEU B 331 12.34 -3.21 13.51
C LEU B 331 13.80 -3.55 13.16
N TYR B 332 14.70 -2.58 13.25
CA TYR B 332 16.13 -2.78 12.89
C TYR B 332 16.69 -3.85 13.83
N LEU B 333 16.41 -3.73 15.13
CA LEU B 333 17.01 -4.62 16.15
C LEU B 333 16.50 -6.05 15.97
N ILE B 334 15.25 -6.23 15.59
CA ILE B 334 14.57 -7.54 15.55
C ILE B 334 14.86 -8.22 14.21
N PHE B 335 14.77 -7.49 13.09
CA PHE B 335 14.70 -8.10 11.74
C PHE B 335 16.03 -8.04 11.02
N SER B 336 17.01 -7.27 11.50
CA SER B 336 18.37 -7.25 10.90
C SER B 336 18.85 -8.68 10.74
N SER B 337 19.30 -9.05 9.53
CA SER B 337 19.67 -10.44 9.17
C SER B 337 20.83 -10.87 10.06
N THR B 338 21.91 -10.08 10.09
CA THR B 338 23.02 -10.23 11.07
C THR B 338 23.48 -8.86 11.56
N SER B 339 24.64 -8.86 12.24
CA SER B 339 25.31 -7.71 12.88
C SER B 339 26.80 -7.77 12.55
N SER B 340 27.35 -6.68 11.99
CA SER B 340 28.71 -6.17 12.27
C SER B 340 28.57 -4.75 12.84
N ALA B 341 29.54 -4.29 13.63
CA ALA B 341 29.55 -2.99 14.34
C ALA B 341 29.42 -1.83 13.33
N TRP B 342 30.11 -1.92 12.18
CA TRP B 342 30.17 -0.90 11.10
C TRP B 342 28.79 -0.69 10.45
N SER B 343 27.90 -1.67 10.60
CA SER B 343 26.55 -1.67 9.99
C SER B 343 25.59 -0.74 10.77
N HIS B 344 25.81 -0.53 12.08
CA HIS B 344 24.80 0.03 13.01
C HIS B 344 24.62 1.53 12.79
N PRO B 345 23.38 2.06 12.93
CA PRO B 345 23.16 3.50 12.80
C PRO B 345 23.97 4.24 13.86
N GLN B 346 24.75 5.25 13.45
CA GLN B 346 25.62 6.03 14.37
C GLN B 346 25.84 7.42 13.75
N PHE B 347 25.36 8.46 14.42
CA PHE B 347 25.37 9.87 13.93
C PHE B 347 26.61 10.58 14.48
N PHE C 2 22.03 23.47 -22.91
CA PHE C 2 22.28 22.18 -22.19
C PHE C 2 20.97 21.65 -21.57
N TYR C 3 19.94 22.48 -21.53
CA TYR C 3 18.52 22.05 -21.35
C TYR C 3 17.61 22.98 -22.16
N ILE C 4 16.91 22.48 -23.17
CA ILE C 4 16.14 23.32 -24.13
C ILE C 4 14.76 22.65 -24.34
N ASN C 5 13.74 23.47 -24.57
CA ASN C 5 12.35 23.05 -24.86
C ASN C 5 11.95 23.75 -26.17
N SER C 6 12.07 23.06 -27.32
CA SER C 6 11.89 23.63 -28.68
C SER C 6 13.15 24.43 -29.02
N LYS C 7 13.25 25.66 -28.48
CA LYS C 7 14.36 26.63 -28.65
C LYS C 7 14.62 27.44 -27.36
N TYR C 8 13.88 27.26 -26.26
CA TYR C 8 14.03 28.03 -25.00
C TYR C 8 14.88 27.25 -23.97
N LYS C 9 15.90 27.92 -23.46
CA LYS C 9 16.92 27.36 -22.54
C LYS C 9 16.38 27.42 -21.12
N ILE C 10 16.49 26.31 -20.39
CA ILE C 10 15.94 26.09 -19.03
C ILE C 10 17.14 25.99 -18.08
N ASP C 11 17.26 26.91 -17.10
CA ASP C 11 18.18 26.69 -15.96
C ASP C 11 17.42 25.87 -14.92
N LEU C 12 17.41 24.54 -15.10
CA LEU C 12 16.72 23.56 -14.23
C LEU C 12 17.30 23.65 -12.81
N ASP C 13 18.62 23.83 -12.68
CA ASP C 13 19.25 24.05 -11.36
C ASP C 13 18.55 25.25 -10.69
N LYS C 14 18.52 26.40 -11.37
CA LYS C 14 17.97 27.65 -10.79
C LYS C 14 16.49 27.42 -10.49
N ILE C 15 15.74 26.81 -11.40
CA ILE C 15 14.26 26.66 -11.23
C ILE C 15 13.96 25.65 -10.10
N MET C 16 14.81 24.66 -9.90
CA MET C 16 14.60 23.63 -8.85
C MET C 16 14.87 24.22 -7.45
N THR C 17 15.91 25.06 -7.28
CA THR C 17 16.23 25.83 -6.05
C THR C 17 14.98 26.58 -5.59
N LYS C 18 14.25 27.18 -6.52
CA LYS C 18 13.03 27.97 -6.22
C LYS C 18 11.82 27.02 -5.96
N MET C 19 11.80 25.82 -6.58
CA MET C 19 10.63 24.91 -6.53
C MET C 19 10.79 23.92 -5.37
N LYS C 20 12.02 23.71 -4.88
CA LYS C 20 12.32 22.86 -3.69
C LYS C 20 11.27 23.07 -2.60
N ASN C 21 10.53 22.02 -2.25
CA ASN C 21 9.60 21.99 -1.09
C ASN C 21 8.51 23.07 -1.23
N LYS C 22 8.22 23.46 -2.45
CA LYS C 22 7.01 24.19 -2.84
C LYS C 22 5.84 23.22 -2.76
N SER C 23 4.77 23.69 -2.21
CA SER C 23 3.45 23.04 -2.13
C SER C 23 2.68 23.45 -3.40
N VAL C 24 2.02 22.55 -4.09
CA VAL C 24 1.33 22.90 -5.37
C VAL C 24 -0.16 22.59 -5.22
N ILE C 25 -0.95 23.65 -4.99
CA ILE C 25 -2.40 23.58 -4.64
C ILE C 25 -3.22 23.99 -5.85
N ASN C 26 -2.72 24.99 -6.54
CA ASN C 26 -3.44 25.80 -7.55
C ASN C 26 -2.50 25.90 -8.75
N ILE C 27 -3.05 25.96 -9.93
CA ILE C 27 -2.29 26.13 -11.21
C ILE C 27 -1.45 27.43 -11.17
N ASP C 28 -1.97 28.47 -10.46
CA ASP C 28 -1.31 29.79 -10.30
C ASP C 28 -0.09 29.72 -9.36
N ASP C 29 0.17 28.59 -8.68
CA ASP C 29 1.43 28.39 -7.92
C ASP C 29 2.58 28.05 -8.88
N VAL C 30 2.29 27.86 -10.16
CA VAL C 30 3.29 27.53 -11.21
C VAL C 30 3.47 28.75 -12.12
N ASP C 31 4.66 29.31 -12.17
CA ASP C 31 4.97 30.49 -13.02
C ASP C 31 5.50 30.01 -14.40
N ASP C 32 5.88 30.93 -15.30
CA ASP C 32 6.43 30.62 -16.65
C ASP C 32 7.62 29.66 -16.56
N GLU C 33 8.66 30.00 -15.81
CA GLU C 33 9.94 29.23 -15.71
C GLU C 33 9.61 27.82 -15.20
N GLU C 34 8.69 27.73 -14.25
CA GLU C 34 8.33 26.45 -13.59
C GLU C 34 7.59 25.59 -14.60
N LEU C 35 6.68 26.21 -15.37
CA LEU C 35 5.89 25.49 -16.39
C LEU C 35 6.88 24.93 -17.43
N LEU C 36 7.85 25.72 -17.88
CA LEU C 36 8.88 25.23 -18.83
C LEU C 36 9.62 24.03 -18.20
N ALA C 37 9.96 24.08 -16.90
CA ALA C 37 10.76 23.03 -16.23
C ALA C 37 9.93 21.75 -16.21
N ILE C 38 8.64 21.89 -15.91
CA ILE C 38 7.68 20.75 -15.84
C ILE C 38 7.57 20.12 -17.24
N LEU C 39 7.49 20.91 -18.32
CA LEU C 39 7.33 20.41 -19.71
C LEU C 39 8.64 19.71 -20.13
N TYR C 40 9.79 20.34 -19.93
CA TYR C 40 11.10 19.70 -20.27
C TYR C 40 11.25 18.36 -19.51
N THR C 41 11.03 18.38 -18.20
CA THR C 41 11.26 17.22 -17.31
C THR C 41 10.28 16.11 -17.70
N SER C 42 9.04 16.52 -17.93
CA SER C 42 7.90 15.68 -18.32
C SER C 42 8.27 14.91 -19.60
N LYS C 43 8.81 15.62 -20.62
CA LYS C 43 9.24 15.04 -21.92
C LYS C 43 10.36 14.01 -21.70
N GLN C 44 11.32 14.34 -20.84
CA GLN C 44 12.45 13.43 -20.50
C GLN C 44 11.89 12.11 -19.95
N PHE C 45 10.88 12.16 -19.09
CA PHE C 45 10.30 10.95 -18.48
C PHE C 45 9.51 10.19 -19.56
N GLU C 46 8.78 10.89 -20.41
CA GLU C 46 8.09 10.24 -21.55
C GLU C 46 9.15 9.42 -22.35
N LYS C 47 10.25 10.04 -22.72
CA LYS C 47 11.24 9.41 -23.65
C LYS C 47 11.98 8.28 -22.92
N ILE C 48 12.23 8.44 -21.61
CA ILE C 48 12.96 7.42 -20.80
C ILE C 48 12.06 6.18 -20.64
N LEU C 49 10.79 6.34 -20.29
CA LEU C 49 9.84 5.20 -20.15
C LEU C 49 9.58 4.54 -21.51
N LYS C 50 9.40 5.31 -22.60
CA LYS C 50 9.09 4.73 -23.93
C LYS C 50 10.31 3.90 -24.43
N ASN C 51 11.53 4.21 -23.98
CA ASN C 51 12.76 3.47 -24.39
C ASN C 51 13.21 2.51 -23.28
N ASN C 52 12.33 2.15 -22.34
CA ASN C 52 12.58 1.12 -21.29
C ASN C 52 13.86 1.41 -20.50
N GLU C 53 14.13 2.67 -20.21
CA GLU C 53 15.39 3.13 -19.60
C GLU C 53 15.15 3.34 -18.10
N ASP C 54 16.24 3.41 -17.33
CA ASP C 54 16.26 3.67 -15.87
C ASP C 54 15.50 4.98 -15.60
N SER C 55 14.55 4.92 -14.70
CA SER C 55 13.45 5.86 -14.40
C SER C 55 13.65 6.46 -13.00
N LYS C 56 14.67 5.99 -12.29
CA LYS C 56 14.72 6.15 -10.81
C LYS C 56 15.48 7.42 -10.49
N TYR C 57 14.88 8.59 -10.75
CA TYR C 57 15.56 9.89 -10.57
C TYR C 57 15.22 10.46 -9.18
N LEU C 58 14.29 9.86 -8.44
CA LEU C 58 13.95 10.30 -7.07
C LEU C 58 13.75 9.08 -6.17
N GLU C 59 14.84 8.45 -5.77
CA GLU C 59 14.85 7.35 -4.79
C GLU C 59 14.98 8.04 -3.43
N ASN C 60 14.81 7.28 -2.37
CA ASN C 60 15.15 7.68 -0.98
C ASN C 60 14.03 8.50 -0.35
N LYS C 61 12.94 8.78 -1.07
CA LYS C 61 11.79 9.55 -0.56
C LYS C 61 10.62 8.63 -0.19
N VAL C 62 9.92 9.03 0.86
CA VAL C 62 8.73 8.30 1.36
C VAL C 62 7.59 9.31 1.39
N PHE C 63 6.51 9.04 0.66
CA PHE C 63 5.34 9.95 0.55
C PHE C 63 4.19 9.31 1.31
N CYS C 64 3.20 10.12 1.65
CA CYS C 64 1.87 9.65 2.05
C CYS C 64 0.87 10.16 1.02
N SER C 65 0.02 9.27 0.53
CA SER C 65 -1.09 9.62 -0.36
C SER C 65 -2.36 9.54 0.47
N VAL C 66 -3.08 10.66 0.55
CA VAL C 66 -4.35 10.77 1.32
C VAL C 66 -5.47 11.10 0.33
N PHE C 67 -6.30 10.10 0.02
CA PHE C 67 -7.46 10.23 -0.89
C PHE C 67 -8.71 10.06 -0.03
N LEU C 68 -9.42 11.15 0.28
CA LEU C 68 -10.62 11.13 1.16
C LEU C 68 -11.90 11.17 0.31
N GLU C 69 -11.77 10.92 -0.99
CA GLU C 69 -12.89 10.45 -1.85
C GLU C 69 -12.31 9.43 -2.82
N PRO C 70 -13.14 8.52 -3.36
CA PRO C 70 -12.71 7.68 -4.47
C PRO C 70 -12.32 8.60 -5.63
N SER C 71 -11.08 8.48 -6.09
CA SER C 71 -10.53 9.05 -7.34
C SER C 71 -9.41 8.12 -7.77
N THR C 72 -9.78 6.83 -7.90
CA THR C 72 -8.88 5.70 -8.18
C THR C 72 -7.92 6.04 -9.34
N ARG C 73 -8.39 6.54 -10.47
CA ARG C 73 -7.46 6.74 -11.61
C ARG C 73 -6.37 7.70 -11.19
N THR C 74 -6.72 8.84 -10.55
CA THR C 74 -5.75 9.90 -10.17
C THR C 74 -4.84 9.31 -9.09
N ARG C 75 -5.40 8.57 -8.13
CA ARG C 75 -4.61 7.93 -7.06
C ARG C 75 -3.55 7.01 -7.65
N CYS C 76 -3.95 6.07 -8.50
CA CYS C 76 -3.04 5.08 -9.14
C CYS C 76 -1.98 5.85 -9.95
N SER C 77 -2.36 6.93 -10.55
CA SER C 77 -1.46 7.70 -11.44
C SER C 77 -0.33 8.28 -10.56
N PHE C 78 -0.68 8.86 -9.41
CA PHE C 78 0.31 9.41 -8.46
C PHE C 78 1.17 8.29 -7.83
N ASP C 79 0.56 7.15 -7.47
CA ASP C 79 1.30 6.00 -6.91
C ASP C 79 2.32 5.52 -7.97
N ALA C 80 1.88 5.36 -9.22
CA ALA C 80 2.75 4.86 -10.31
C ALA C 80 3.93 5.81 -10.49
N ALA C 81 3.69 7.10 -10.41
CA ALA C 81 4.75 8.12 -10.64
C ALA C 81 5.80 7.99 -9.53
N ILE C 82 5.34 7.87 -8.30
CA ILE C 82 6.22 7.78 -7.10
C ILE C 82 7.08 6.53 -7.24
N LEU C 83 6.40 5.41 -7.49
CA LEU C 83 7.06 4.10 -7.54
C LEU C 83 8.05 4.06 -8.71
N LYS C 84 7.70 4.64 -9.85
CA LYS C 84 8.56 4.56 -11.06
C LYS C 84 9.76 5.49 -10.89
N LEU C 85 9.67 6.53 -10.06
CA LEU C 85 10.80 7.45 -9.71
C LEU C 85 11.73 6.73 -8.73
N GLY C 86 11.25 5.65 -8.09
CA GLY C 86 12.08 4.79 -7.22
C GLY C 86 11.85 5.08 -5.74
N SER C 87 10.92 5.97 -5.42
CA SER C 87 10.55 6.27 -4.02
C SER C 87 9.46 5.30 -3.55
N LYS C 88 8.91 5.57 -2.38
CA LYS C 88 7.96 4.66 -1.73
C LYS C 88 6.76 5.48 -1.24
N VAL C 89 5.61 4.86 -1.05
CA VAL C 89 4.42 5.57 -0.57
C VAL C 89 3.59 4.68 0.36
N LEU C 90 2.97 5.34 1.32
CA LEU C 90 2.03 4.87 2.36
C LEU C 90 0.67 5.43 1.93
N ASN C 91 -0.38 4.63 1.85
CA ASN C 91 -1.69 4.99 1.26
C ASN C 91 -2.75 5.09 2.34
N ILE C 92 -3.56 6.15 2.31
CA ILE C 92 -4.83 6.29 3.08
C ILE C 92 -5.92 6.53 2.03
N THR C 93 -6.78 5.54 1.77
CA THR C 93 -7.86 5.57 0.74
C THR C 93 -9.16 5.01 1.32
N ASP C 94 -10.23 5.04 0.51
CA ASP C 94 -11.61 4.49 0.77
C ASP C 94 -12.11 4.96 2.14
N MET C 95 -11.56 6.07 2.64
CA MET C 95 -12.11 6.81 3.81
C MET C 95 -12.67 8.13 3.29
N ASN C 96 -13.46 8.84 4.10
CA ASN C 96 -14.04 10.19 3.81
C ASN C 96 -13.44 11.20 4.79
N SER C 97 -13.80 12.48 4.66
CA SER C 97 -13.52 13.53 5.67
C SER C 97 -13.93 13.02 7.07
N THR C 98 -15.24 12.87 7.29
CA THR C 98 -15.84 12.53 8.61
C THR C 98 -15.11 11.33 9.22
N SER C 99 -14.99 10.21 8.50
CA SER C 99 -14.51 8.89 8.99
C SER C 99 -12.98 8.87 9.20
N PHE C 100 -12.23 9.75 8.50
CA PHE C 100 -10.75 9.81 8.59
C PHE C 100 -10.33 10.68 9.78
N TYR C 101 -10.96 11.86 9.94
CA TYR C 101 -10.59 12.87 10.95
C TYR C 101 -11.18 12.43 12.29
N LYS C 102 -12.16 11.51 12.26
CA LYS C 102 -12.75 10.86 13.45
C LYS C 102 -12.86 11.95 14.54
N GLY C 103 -13.30 13.15 14.17
CA GLY C 103 -13.43 14.28 15.11
C GLY C 103 -12.14 15.07 15.36
N GLU C 104 -10.94 14.46 15.24
CA GLU C 104 -9.63 15.16 15.38
C GLU C 104 -9.50 16.25 14.31
N THR C 105 -8.79 17.34 14.61
CA THR C 105 -8.59 18.50 13.71
C THR C 105 -7.70 18.12 12.52
N VAL C 106 -7.96 18.74 11.39
CA VAL C 106 -7.07 18.64 10.20
C VAL C 106 -5.69 19.14 10.61
N GLU C 107 -5.63 20.20 11.40
CA GLU C 107 -4.36 20.83 11.85
C GLU C 107 -3.46 19.77 12.52
N ASP C 108 -4.00 19.11 13.53
CA ASP C 108 -3.31 18.06 14.34
C ASP C 108 -2.89 16.95 13.37
N ALA C 109 -3.82 16.52 12.51
CA ALA C 109 -3.61 15.33 11.64
C ALA C 109 -2.42 15.58 10.72
N PHE C 110 -2.32 16.75 10.11
CA PHE C 110 -1.25 17.06 9.13
C PHE C 110 0.04 17.40 9.87
N LYS C 111 -0.06 17.95 11.09
CA LYS C 111 1.13 18.26 11.92
C LYS C 111 1.81 16.92 12.27
N ILE C 112 1.04 15.90 12.56
CA ILE C 112 1.61 14.57 12.86
C ILE C 112 2.11 13.85 11.59
N LEU C 113 1.25 13.71 10.57
CA LEU C 113 1.55 12.85 9.39
C LEU C 113 2.81 13.38 8.71
N SER C 114 2.90 14.70 8.65
CA SER C 114 3.99 15.56 8.14
C SER C 114 5.33 15.16 8.72
N THR C 115 5.35 14.69 9.98
CA THR C 115 6.60 14.20 10.65
C THR C 115 7.00 12.80 10.18
N TYR C 116 6.12 12.04 9.51
CA TYR C 116 6.40 10.64 9.11
C TYR C 116 7.04 10.57 7.73
N VAL C 117 6.87 11.59 6.88
CA VAL C 117 7.07 11.47 5.40
C VAL C 117 7.72 12.73 4.84
N ASP C 118 8.20 12.72 3.60
CA ASP C 118 8.82 13.86 2.87
C ASP C 118 7.82 14.73 2.13
N GLY C 119 6.65 14.19 1.82
CA GLY C 119 5.61 14.93 1.06
C GLY C 119 4.30 14.23 1.14
N ILE C 120 3.23 14.96 0.89
CA ILE C 120 1.86 14.39 0.98
C ILE C 120 1.13 14.72 -0.33
N ILE C 121 0.49 13.70 -0.93
CA ILE C 121 -0.51 13.84 -2.00
C ILE C 121 -1.86 13.80 -1.31
N TYR C 122 -2.71 14.79 -1.57
CA TYR C 122 -3.96 14.95 -0.79
C TYR C 122 -5.07 15.27 -1.79
N ARG C 123 -6.14 14.49 -1.72
CA ARG C 123 -7.40 14.65 -2.46
C ARG C 123 -8.50 14.70 -1.41
N ASP C 124 -9.35 15.71 -1.46
CA ASP C 124 -10.46 15.88 -0.50
C ASP C 124 -11.50 16.77 -1.17
N PRO C 125 -12.78 16.34 -1.24
CA PRO C 125 -13.84 17.20 -1.78
C PRO C 125 -13.89 18.59 -1.12
N SER C 126 -13.67 18.72 0.19
CA SER C 126 -13.59 20.02 0.92
C SER C 126 -12.41 20.88 0.42
N LYS C 127 -12.63 22.15 0.07
CA LYS C 127 -11.49 23.07 -0.23
C LYS C 127 -10.86 23.58 1.07
N LYS C 128 -11.70 23.81 2.08
CA LYS C 128 -11.23 24.17 3.43
C LYS C 128 -10.02 23.27 3.77
N ASN C 129 -10.21 21.95 3.78
CA ASN C 129 -9.22 20.98 4.33
C ASN C 129 -7.83 21.10 3.67
N VAL C 130 -7.74 21.26 2.36
CA VAL C 130 -6.41 21.26 1.65
C VAL C 130 -5.63 22.49 2.09
N ASP C 131 -6.30 23.61 2.32
CA ASP C 131 -5.60 24.86 2.73
C ASP C 131 -5.19 24.75 4.19
N ILE C 132 -6.02 24.14 5.04
CA ILE C 132 -5.65 23.88 6.45
C ILE C 132 -4.42 22.94 6.46
N ALA C 133 -4.45 21.90 5.63
CA ALA C 133 -3.37 20.91 5.52
C ALA C 133 -2.08 21.63 5.13
N VAL C 134 -2.16 22.63 4.26
CA VAL C 134 -0.93 23.31 3.77
C VAL C 134 -0.36 24.18 4.90
N SER C 135 -1.22 24.80 5.71
CA SER C 135 -0.79 25.72 6.79
C SER C 135 -0.29 24.91 8.01
N SER C 136 -0.66 23.64 8.16
CA SER C 136 -0.38 22.80 9.36
C SER C 136 0.79 21.84 9.09
N SER C 137 1.07 21.54 7.82
CA SER C 137 2.07 20.54 7.35
C SER C 137 3.46 21.17 7.34
N SER C 138 4.45 20.44 7.83
CA SER C 138 5.87 20.81 7.80
C SER C 138 6.47 20.29 6.49
N LYS C 139 5.64 19.69 5.62
CA LYS C 139 6.12 19.19 4.32
C LYS C 139 5.21 19.64 3.18
N PRO C 140 5.79 19.63 1.96
CA PRO C 140 5.06 20.04 0.77
C PRO C 140 3.85 19.14 0.52
N ILE C 141 2.75 19.75 0.09
CA ILE C 141 1.51 19.08 -0.37
C ILE C 141 1.34 19.30 -1.86
N ILE C 142 1.01 18.22 -2.57
CA ILE C 142 0.44 18.28 -3.94
C ILE C 142 -1.05 17.98 -3.86
N ASN C 143 -1.86 18.99 -4.17
CA ASN C 143 -3.33 18.89 -4.34
C ASN C 143 -3.61 17.98 -5.55
N ALA C 144 -4.24 16.84 -5.30
CA ALA C 144 -4.64 15.86 -6.32
C ALA C 144 -6.11 16.10 -6.67
N GLY C 145 -6.69 17.16 -6.11
CA GLY C 145 -8.04 17.61 -6.46
C GLY C 145 -8.82 17.97 -5.22
N ASN C 146 -9.50 19.12 -5.24
CA ASN C 146 -10.50 19.48 -4.20
C ASN C 146 -11.74 20.04 -4.91
N GLY C 147 -12.81 20.26 -4.14
CA GLY C 147 -14.13 20.71 -4.65
C GLY C 147 -14.22 22.19 -5.02
N THR C 148 -13.13 22.96 -4.94
CA THR C 148 -13.00 24.31 -5.56
C THR C 148 -12.68 24.16 -7.04
N GLY C 149 -12.45 22.91 -7.48
CA GLY C 149 -11.97 22.59 -8.83
C GLY C 149 -10.50 22.95 -9.01
N GLU C 150 -9.73 23.09 -7.94
CA GLU C 150 -8.24 23.08 -8.03
C GLU C 150 -7.81 21.62 -8.25
N HIS C 151 -7.02 21.42 -9.28
CA HIS C 151 -6.48 20.14 -9.79
C HIS C 151 -5.27 20.47 -10.65
N PRO C 152 -4.22 21.04 -10.07
CA PRO C 152 -3.08 21.52 -10.85
C PRO C 152 -2.49 20.45 -11.80
N THR C 153 -2.27 19.22 -11.35
CA THR C 153 -1.59 18.24 -12.24
C THR C 153 -2.49 17.89 -13.43
N GLN C 154 -3.84 17.92 -13.29
CA GLN C 154 -4.75 17.66 -14.45
C GLN C 154 -4.55 18.75 -15.51
N SER C 155 -4.43 19.98 -15.02
CA SER C 155 -4.26 21.23 -15.79
C SER C 155 -2.89 21.19 -16.48
N LEU C 156 -1.88 20.79 -15.73
CA LEU C 156 -0.47 20.67 -16.18
C LEU C 156 -0.36 19.62 -17.29
N LEU C 157 -1.09 18.52 -17.18
CA LEU C 157 -1.06 17.31 -18.05
C LEU C 157 -1.85 17.65 -19.31
N ASP C 158 -2.99 18.32 -19.15
CA ASP C 158 -3.77 18.92 -20.27
C ASP C 158 -2.82 19.82 -21.09
N PHE C 159 -2.04 20.68 -20.44
CA PHE C 159 -1.18 21.65 -21.16
C PHE C 159 -0.06 20.91 -21.89
N TYR C 160 0.59 19.96 -21.23
CA TYR C 160 1.70 19.14 -21.80
C TYR C 160 1.21 18.44 -23.08
N THR C 161 0.01 17.88 -23.04
CA THR C 161 -0.62 17.18 -24.19
C THR C 161 -0.77 18.17 -25.36
N ILE C 162 -1.34 19.33 -25.12
CA ILE C 162 -1.53 20.40 -26.14
C ILE C 162 -0.18 20.88 -26.71
N HIS C 163 0.78 21.22 -25.86
CA HIS C 163 2.14 21.68 -26.26
C HIS C 163 2.80 20.62 -27.13
N ASN C 164 2.49 19.35 -26.90
CA ASN C 164 3.12 18.22 -27.65
C ASN C 164 2.80 18.34 -29.14
N TYR C 165 1.57 18.73 -29.48
CA TYR C 165 1.06 18.85 -30.88
C TYR C 165 1.17 20.29 -31.40
N PHE C 166 1.17 21.30 -30.53
CA PHE C 166 1.18 22.74 -30.92
C PHE C 166 2.24 23.46 -30.10
N PRO C 167 3.56 23.15 -30.28
CA PRO C 167 4.60 23.71 -29.45
C PRO C 167 4.66 25.24 -29.51
N PHE C 168 4.07 25.86 -30.54
CA PHE C 168 4.08 27.33 -30.75
C PHE C 168 3.26 28.04 -29.65
N ILE C 169 2.36 27.35 -28.93
CA ILE C 169 1.59 27.94 -27.79
C ILE C 169 2.53 28.56 -26.76
N LEU C 170 3.79 28.12 -26.68
CA LEU C 170 4.78 28.72 -25.76
C LEU C 170 5.33 30.05 -26.30
N ASP C 171 5.20 30.32 -27.59
CA ASP C 171 6.00 31.41 -28.24
C ASP C 171 5.44 32.77 -27.83
N ARG C 172 4.15 32.86 -27.45
CA ARG C 172 3.51 34.20 -27.25
C ARG C 172 3.79 35.06 -28.50
N ASN C 173 3.56 34.46 -29.67
CA ASN C 173 3.76 35.10 -31.00
C ASN C 173 2.38 35.56 -31.50
N ILE C 174 2.21 36.85 -31.78
CA ILE C 174 0.88 37.40 -32.21
C ILE C 174 0.36 36.63 -33.44
N ASN C 175 1.26 36.10 -34.28
CA ASN C 175 0.94 35.45 -35.57
C ASN C 175 0.64 33.95 -35.42
N LYS C 176 0.95 33.36 -34.27
CA LYS C 176 0.79 31.91 -33.99
C LYS C 176 -0.15 31.76 -32.80
N LYS C 177 -1.45 31.81 -33.07
CA LYS C 177 -2.56 31.73 -32.10
C LYS C 177 -3.08 30.30 -32.08
N LEU C 178 -3.37 29.75 -30.89
CA LEU C 178 -4.05 28.45 -30.75
C LEU C 178 -5.53 28.67 -30.45
N ASN C 179 -6.41 27.95 -31.14
CA ASN C 179 -7.88 28.04 -31.03
C ASN C 179 -8.32 26.73 -30.40
N ILE C 180 -9.08 26.81 -29.33
CA ILE C 180 -9.53 25.65 -28.55
C ILE C 180 -11.03 25.76 -28.35
N ALA C 181 -11.75 24.65 -28.49
CA ALA C 181 -13.19 24.51 -28.17
C ALA C 181 -13.31 23.62 -26.95
N PHE C 182 -14.01 24.12 -25.93
CA PHE C 182 -14.42 23.41 -24.70
C PHE C 182 -15.90 23.08 -24.87
N VAL C 183 -16.23 21.80 -24.82
CA VAL C 183 -17.57 21.23 -25.14
C VAL C 183 -18.11 20.53 -23.89
N GLY C 184 -19.32 20.91 -23.50
CA GLY C 184 -20.16 20.10 -22.62
C GLY C 184 -20.68 20.87 -21.45
N ASP C 185 -20.33 20.44 -20.25
CA ASP C 185 -20.76 21.07 -18.98
C ASP C 185 -19.65 22.03 -18.52
N LEU C 186 -19.70 23.26 -19.02
CA LEU C 186 -18.67 24.31 -18.79
C LEU C 186 -18.93 24.93 -17.42
N LYS C 187 -20.15 24.84 -16.90
CA LYS C 187 -20.50 25.29 -15.54
C LYS C 187 -19.77 24.42 -14.52
N ASN C 188 -19.94 23.09 -14.58
CA ASN C 188 -19.47 22.16 -13.52
C ASN C 188 -18.15 21.47 -13.90
N GLY C 189 -17.69 21.56 -15.16
CA GLY C 189 -16.43 20.95 -15.62
C GLY C 189 -15.24 21.83 -15.24
N ARG C 190 -14.72 21.62 -14.04
CA ARG C 190 -13.77 22.53 -13.35
C ARG C 190 -12.39 22.39 -13.99
N THR C 191 -12.18 21.32 -14.74
CA THR C 191 -10.95 21.07 -15.52
C THR C 191 -10.89 22.10 -16.64
N VAL C 192 -12.05 22.53 -17.13
CA VAL C 192 -12.14 23.66 -18.11
C VAL C 192 -11.66 24.96 -17.44
N HIS C 193 -12.14 25.21 -16.22
CA HIS C 193 -11.91 26.46 -15.49
C HIS C 193 -10.38 26.63 -15.35
N SER C 194 -9.74 25.60 -14.84
CA SER C 194 -8.31 25.59 -14.47
C SER C 194 -7.45 25.72 -15.72
N LEU C 195 -7.75 24.93 -16.74
CA LEU C 195 -6.98 24.86 -18.00
C LEU C 195 -7.11 26.20 -18.72
N SER C 196 -8.31 26.77 -18.74
CA SER C 196 -8.60 28.09 -19.36
C SER C 196 -7.66 29.14 -18.77
N LYS C 197 -7.59 29.22 -17.45
CA LYS C 197 -6.69 30.09 -16.67
C LYS C 197 -5.23 29.93 -17.11
N LEU C 198 -4.75 28.71 -17.34
CA LEU C 198 -3.34 28.47 -17.73
C LEU C 198 -3.12 28.82 -19.21
N LEU C 199 -4.04 28.38 -20.07
CA LEU C 199 -4.01 28.63 -21.55
C LEU C 199 -4.04 30.13 -21.80
N SER C 200 -4.83 30.78 -20.96
CA SER C 200 -5.06 32.25 -20.91
C SER C 200 -3.75 33.03 -20.80
N ARG C 201 -2.63 32.41 -20.39
CA ARG C 201 -1.33 33.10 -20.17
C ARG C 201 -0.61 33.20 -21.52
N TYR C 202 -1.20 32.64 -22.58
CA TYR C 202 -0.57 32.50 -23.90
C TYR C 202 -1.51 33.13 -24.95
N ASN C 203 -1.12 33.02 -26.22
CA ASN C 203 -1.92 33.55 -27.35
C ASN C 203 -2.95 32.49 -27.75
N VAL C 204 -4.14 32.54 -27.13
CA VAL C 204 -5.18 31.48 -27.25
C VAL C 204 -6.56 32.10 -27.45
N SER C 205 -7.35 31.55 -28.37
CA SER C 205 -8.79 31.91 -28.59
C SER C 205 -9.65 30.73 -28.16
N PHE C 206 -10.80 31.01 -27.55
CA PHE C 206 -11.63 30.05 -26.79
C PHE C 206 -13.02 30.02 -27.39
N ASN C 207 -13.42 28.86 -27.89
CA ASN C 207 -14.83 28.50 -28.23
C ASN C 207 -15.46 27.74 -27.06
N PHE C 208 -16.47 28.32 -26.41
CA PHE C 208 -17.21 27.74 -25.27
C PHE C 208 -18.56 27.24 -25.78
N VAL C 209 -18.63 25.92 -25.98
CA VAL C 209 -19.74 25.17 -26.64
C VAL C 209 -20.54 24.42 -25.57
N SER C 210 -21.75 24.88 -25.29
CA SER C 210 -22.57 24.38 -24.16
C SER C 210 -24.06 24.65 -24.38
N CYS C 211 -24.83 23.81 -23.67
CA CYS C 211 -26.26 23.83 -23.30
C CYS C 211 -26.70 25.28 -23.15
N LYS C 212 -27.60 25.55 -22.20
CA LYS C 212 -27.90 26.92 -21.65
C LYS C 212 -27.48 27.00 -20.18
N SER C 213 -28.11 26.20 -19.33
CA SER C 213 -27.90 26.17 -17.86
C SER C 213 -26.43 25.89 -17.54
N LEU C 214 -25.61 25.45 -18.51
CA LEU C 214 -24.28 24.82 -18.25
C LEU C 214 -23.14 25.59 -18.94
N ASN C 215 -23.28 26.88 -19.16
CA ASN C 215 -22.19 27.65 -19.86
C ASN C 215 -21.08 28.01 -18.88
N ILE C 216 -19.95 28.44 -19.43
CA ILE C 216 -18.75 28.87 -18.66
C ILE C 216 -19.16 30.01 -17.72
N PRO C 217 -18.73 30.03 -16.43
CA PRO C 217 -19.13 31.11 -15.52
C PRO C 217 -18.38 32.44 -15.80
N LYS C 218 -19.05 33.57 -15.65
CA LYS C 218 -18.49 34.90 -16.03
C LYS C 218 -17.16 35.19 -15.30
N ASP C 219 -17.05 34.64 -14.06
CA ASP C 219 -15.83 34.48 -13.21
C ASP C 219 -14.62 34.10 -14.09
N ILE C 220 -14.75 33.02 -14.86
CA ILE C 220 -13.68 32.38 -15.70
C ILE C 220 -13.41 33.26 -16.93
N VAL C 221 -14.47 33.77 -17.53
CA VAL C 221 -14.36 34.66 -18.73
C VAL C 221 -13.57 35.92 -18.36
N ASN C 222 -13.88 36.53 -17.22
CA ASN C 222 -13.11 37.68 -16.69
C ASN C 222 -11.62 37.32 -16.49
N THR C 223 -11.32 36.12 -15.93
CA THR C 223 -9.92 35.71 -15.64
C THR C 223 -9.22 35.53 -16.98
N ILE C 224 -9.89 34.91 -17.96
CA ILE C 224 -9.32 34.66 -19.32
C ILE C 224 -8.92 36.01 -19.92
N THR C 225 -9.85 36.97 -19.84
CA THR C 225 -9.71 38.35 -20.42
C THR C 225 -8.56 39.10 -19.73
N TYR C 226 -8.52 39.13 -18.41
CA TYR C 226 -7.40 39.74 -17.65
C TYR C 226 -6.05 39.20 -18.13
N ASN C 227 -5.92 37.87 -18.23
CA ASN C 227 -4.65 37.19 -18.59
C ASN C 227 -4.29 37.44 -20.07
N LEU C 228 -5.26 37.47 -20.99
CA LEU C 228 -4.99 37.75 -22.43
C LEU C 228 -4.54 39.21 -22.54
N LYS C 229 -5.23 40.14 -21.87
CA LYS C 229 -4.91 41.59 -21.87
C LYS C 229 -3.48 41.81 -21.36
N LYS C 230 -3.03 41.12 -20.30
CA LYS C 230 -1.65 41.33 -19.74
C LYS C 230 -0.63 41.12 -20.86
N ASN C 231 -0.88 40.22 -21.82
CA ASN C 231 0.05 39.86 -22.92
C ASN C 231 -0.44 40.42 -24.27
N ASN C 232 -1.45 41.29 -24.22
CA ASN C 232 -1.95 42.01 -25.42
C ASN C 232 -2.31 40.98 -26.49
N PHE C 233 -3.07 39.95 -26.11
CA PHE C 233 -3.68 38.94 -27.01
C PHE C 233 -5.21 38.95 -26.91
N TYR C 234 -5.81 39.92 -26.23
CA TYR C 234 -7.28 39.99 -26.14
C TYR C 234 -7.82 40.80 -27.31
N SER C 235 -8.89 40.27 -27.93
CA SER C 235 -9.73 40.95 -28.95
C SER C 235 -11.16 40.44 -28.78
N ASP C 236 -12.07 41.01 -29.56
CA ASP C 236 -13.53 40.73 -29.49
C ASP C 236 -13.74 39.33 -30.07
N ASP C 237 -12.69 38.78 -30.72
CA ASP C 237 -12.62 37.42 -31.33
C ASP C 237 -11.81 36.44 -30.43
N SER C 238 -11.48 36.84 -29.20
CA SER C 238 -10.74 35.98 -28.25
C SER C 238 -11.70 34.95 -27.68
N ILE C 239 -12.92 35.34 -27.32
CA ILE C 239 -13.88 34.45 -26.60
C ILE C 239 -15.19 34.44 -27.38
N LYS C 240 -15.56 33.28 -27.91
CA LYS C 240 -16.81 33.11 -28.69
C LYS C 240 -17.66 32.03 -28.02
N TYR C 241 -18.98 32.14 -28.13
CA TYR C 241 -19.97 31.23 -27.49
C TYR C 241 -20.86 30.61 -28.57
N PHE C 242 -21.05 29.30 -28.51
CA PHE C 242 -21.87 28.50 -29.45
C PHE C 242 -22.70 27.49 -28.65
N ASP C 243 -23.79 27.01 -29.24
CA ASP C 243 -24.74 26.06 -28.59
C ASP C 243 -24.81 24.78 -29.45
N ASN C 244 -23.80 24.58 -30.32
CA ASN C 244 -23.80 23.53 -31.39
C ASN C 244 -22.38 23.34 -31.94
N LEU C 245 -22.07 22.10 -32.31
CA LEU C 245 -20.70 21.62 -32.63
C LEU C 245 -20.26 22.13 -34.00
N GLU C 246 -21.15 22.11 -35.01
CA GLU C 246 -20.78 22.48 -36.42
C GLU C 246 -20.10 23.85 -36.41
N GLU C 247 -20.65 24.83 -35.66
CA GLU C 247 -20.04 26.18 -35.46
C GLU C 247 -18.91 26.10 -34.42
N GLY C 248 -19.16 25.40 -33.31
CA GLY C 248 -18.22 25.22 -32.19
C GLY C 248 -16.85 24.72 -32.64
N LEU C 249 -16.81 23.78 -33.59
CA LEU C 249 -15.62 22.93 -33.85
C LEU C 249 -14.86 23.36 -35.11
N GLU C 250 -15.29 24.41 -35.82
CA GLU C 250 -14.57 24.96 -37.01
C GLU C 250 -13.30 25.70 -36.54
N ASP C 251 -12.19 25.53 -37.26
CA ASP C 251 -10.91 26.28 -37.07
C ASP C 251 -10.47 26.29 -35.59
N VAL C 252 -10.64 25.18 -34.85
CA VAL C 252 -10.09 24.99 -33.47
C VAL C 252 -9.08 23.83 -33.45
N HIS C 253 -7.82 24.13 -33.07
CA HIS C 253 -6.68 23.19 -33.01
C HIS C 253 -6.94 22.12 -31.95
N ILE C 254 -7.70 22.47 -30.91
CA ILE C 254 -7.99 21.52 -29.80
C ILE C 254 -9.49 21.46 -29.61
N ILE C 255 -10.01 20.24 -29.51
CA ILE C 255 -11.35 19.94 -28.95
C ILE C 255 -11.14 19.26 -27.60
N TYR C 256 -11.70 19.85 -26.54
CA TYR C 256 -11.64 19.34 -25.16
C TYR C 256 -13.08 19.05 -24.72
N MET C 257 -13.45 17.77 -24.75
CA MET C 257 -14.80 17.29 -24.34
C MET C 257 -14.83 17.16 -22.81
N THR C 258 -16.00 17.31 -22.17
CA THR C 258 -16.18 17.17 -20.71
C THR C 258 -17.32 16.20 -20.40
N ARG C 259 -17.39 15.79 -19.14
CA ARG C 259 -18.49 15.00 -18.55
C ARG C 259 -19.70 15.93 -18.47
N ILE C 260 -20.69 15.75 -19.35
CA ILE C 260 -21.89 16.64 -19.50
C ILE C 260 -23.07 15.94 -18.81
N GLN C 261 -22.98 15.67 -17.51
CA GLN C 261 -24.10 14.97 -16.81
C GLN C 261 -25.37 15.81 -16.92
N ASN C 276 -26.71 13.91 -25.98
CA ASN C 276 -27.53 13.72 -27.21
C ASN C 276 -27.22 14.82 -28.24
N ALA C 277 -26.85 16.03 -27.80
CA ALA C 277 -26.56 17.22 -28.65
C ALA C 277 -25.06 17.55 -28.66
N PHE C 278 -24.32 17.23 -27.57
CA PHE C 278 -22.87 17.44 -27.45
C PHE C 278 -22.15 16.07 -27.39
N ILE C 279 -22.48 15.21 -28.36
CA ILE C 279 -21.80 13.89 -28.58
C ILE C 279 -20.84 13.98 -29.77
N LEU C 280 -19.57 13.62 -29.60
CA LEU C 280 -18.54 13.62 -30.68
C LEU C 280 -18.62 12.31 -31.50
N SER C 281 -18.92 12.44 -32.79
CA SER C 281 -18.92 11.37 -33.83
C SER C 281 -17.80 11.66 -34.84
N ASN C 282 -17.39 10.64 -35.58
CA ASN C 282 -16.59 10.74 -36.84
C ASN C 282 -17.31 11.73 -37.78
N LYS C 283 -18.65 11.72 -37.80
CA LYS C 283 -19.45 12.61 -38.67
C LYS C 283 -19.19 14.06 -38.24
N THR C 284 -19.27 14.34 -36.94
CA THR C 284 -19.09 15.69 -36.35
C THR C 284 -17.68 16.23 -36.63
N LEU C 285 -16.71 15.34 -36.85
CA LEU C 285 -15.25 15.65 -36.91
C LEU C 285 -14.82 15.92 -38.36
N GLU C 286 -15.65 15.60 -39.34
CA GLU C 286 -15.36 15.76 -40.79
C GLU C 286 -15.15 17.25 -41.12
N ASN C 287 -15.82 18.15 -40.39
CA ASN C 287 -15.80 19.62 -40.55
C ASN C 287 -14.73 20.31 -39.69
N THR C 288 -13.75 19.58 -39.16
CA THR C 288 -12.66 20.14 -38.32
C THR C 288 -11.38 20.23 -39.15
N ARG C 289 -10.39 20.94 -38.62
CA ARG C 289 -9.03 21.04 -39.21
C ARG C 289 -8.39 19.65 -39.17
N ASP C 290 -7.44 19.45 -40.07
CA ASP C 290 -6.67 18.19 -40.23
C ASP C 290 -5.82 17.96 -38.98
N ASP C 291 -5.34 19.03 -38.34
CA ASP C 291 -4.31 18.98 -37.26
C ASP C 291 -5.02 18.97 -35.89
N THR C 292 -6.36 19.09 -35.88
CA THR C 292 -7.19 19.02 -34.65
C THR C 292 -6.81 17.78 -33.84
N LYS C 293 -6.66 17.98 -32.54
CA LYS C 293 -6.47 16.90 -31.54
C LYS C 293 -7.62 17.02 -30.53
N ILE C 294 -8.15 15.87 -30.11
CA ILE C 294 -9.30 15.73 -29.18
C ILE C 294 -8.79 15.29 -27.80
N LEU C 295 -9.04 16.12 -26.78
CA LEU C 295 -8.78 15.81 -25.36
C LEU C 295 -10.11 15.53 -24.64
N HIS C 296 -10.03 14.74 -23.58
CA HIS C 296 -11.09 14.44 -22.57
C HIS C 296 -10.36 14.00 -21.30
N PRO C 297 -10.62 14.67 -20.15
CA PRO C 297 -9.94 14.34 -18.90
C PRO C 297 -10.27 12.92 -18.43
N LEU C 298 -11.40 12.38 -18.90
CA LEU C 298 -11.91 10.98 -18.66
C LEU C 298 -12.33 10.84 -17.21
N PRO C 299 -13.28 9.97 -16.82
CA PRO C 299 -13.89 8.99 -17.71
C PRO C 299 -14.99 9.60 -18.57
N ARG C 300 -15.13 9.12 -19.80
CA ARG C 300 -16.23 9.47 -20.74
C ARG C 300 -17.42 8.55 -20.44
N VAL C 301 -18.59 8.92 -20.91
CA VAL C 301 -19.81 8.06 -20.97
C VAL C 301 -20.18 7.94 -22.44
N ASN C 302 -20.99 8.85 -22.98
CA ASN C 302 -21.37 8.85 -24.43
C ASN C 302 -20.82 10.10 -25.13
N GLU C 303 -20.34 11.12 -24.41
CA GLU C 303 -19.79 12.38 -25.00
C GLU C 303 -18.91 12.10 -26.23
N ILE C 304 -18.16 11.02 -26.23
CA ILE C 304 -17.30 10.58 -27.37
C ILE C 304 -17.61 9.11 -27.67
N LYS C 305 -18.12 8.85 -28.87
CA LYS C 305 -18.46 7.50 -29.39
C LYS C 305 -17.15 6.72 -29.62
N VAL C 306 -17.16 5.43 -29.26
CA VAL C 306 -16.00 4.49 -29.36
C VAL C 306 -15.39 4.53 -30.77
N GLU C 307 -16.17 4.90 -31.79
CA GLU C 307 -15.74 5.13 -33.19
C GLU C 307 -14.50 6.02 -33.26
N VAL C 308 -14.53 7.10 -32.48
CA VAL C 308 -13.53 8.21 -32.49
C VAL C 308 -12.18 7.71 -31.92
N ASP C 309 -12.22 6.68 -31.06
CA ASP C 309 -11.04 6.11 -30.36
C ASP C 309 -10.11 5.58 -31.48
N SER C 310 -10.65 5.31 -32.66
CA SER C 310 -9.95 4.80 -33.86
C SER C 310 -9.47 5.93 -34.79
N ASN C 311 -9.95 7.16 -34.59
CA ASN C 311 -9.66 8.36 -35.42
C ASN C 311 -8.31 8.93 -34.97
N PRO C 312 -7.35 9.16 -35.90
CA PRO C 312 -6.03 9.69 -35.54
C PRO C 312 -6.01 11.03 -34.77
N LYS C 313 -7.10 11.79 -34.81
CA LYS C 313 -7.21 13.11 -34.12
C LYS C 313 -7.45 12.86 -32.63
N SER C 314 -7.97 11.68 -32.29
CA SER C 314 -8.24 11.21 -30.91
C SER C 314 -6.92 11.05 -30.13
N VAL C 315 -6.70 11.78 -29.03
CA VAL C 315 -5.47 11.66 -28.17
C VAL C 315 -5.81 11.59 -26.66
N TYR C 316 -7.07 11.40 -26.28
CA TYR C 316 -7.49 11.41 -24.85
C TYR C 316 -6.77 10.31 -24.04
N PHE C 317 -6.44 9.16 -24.64
CA PHE C 317 -5.74 8.07 -23.91
C PHE C 317 -4.25 8.43 -23.77
N THR C 318 -3.64 9.04 -24.77
CA THR C 318 -2.25 9.55 -24.66
C THR C 318 -2.21 10.61 -23.54
N GLN C 319 -3.29 11.38 -23.39
CA GLN C 319 -3.47 12.48 -22.40
C GLN C 319 -3.38 11.90 -21.00
N ALA C 320 -4.26 10.96 -20.67
CA ALA C 320 -4.24 10.17 -19.42
C ALA C 320 -2.84 9.55 -19.21
N GLU C 321 -2.29 8.88 -20.21
CA GLU C 321 -0.90 8.37 -20.17
C GLU C 321 0.05 9.49 -19.72
N ASN C 322 -0.05 10.67 -20.31
CA ASN C 322 0.86 11.82 -20.01
C ASN C 322 0.80 12.28 -18.54
N GLY C 323 -0.31 12.05 -17.86
CA GLY C 323 -0.42 12.23 -16.41
C GLY C 323 0.74 11.58 -15.66
N LEU C 324 1.21 10.41 -16.11
CA LEU C 324 2.33 9.69 -15.44
C LEU C 324 3.56 10.59 -15.55
N TYR C 325 3.90 11.04 -16.76
CA TYR C 325 5.18 11.75 -17.01
C TYR C 325 5.18 13.10 -16.27
N VAL C 326 4.01 13.75 -16.21
CA VAL C 326 3.88 15.12 -15.65
C VAL C 326 3.91 15.05 -14.11
N ARG C 327 3.30 14.03 -13.50
CA ARG C 327 3.35 13.83 -12.04
C ARG C 327 4.77 13.40 -11.61
N MET C 328 5.45 12.58 -12.41
CA MET C 328 6.87 12.20 -12.17
C MET C 328 7.68 13.50 -12.18
N ALA C 329 7.49 14.33 -13.20
CA ALA C 329 8.27 15.59 -13.37
C ALA C 329 8.04 16.48 -12.15
N LEU C 330 6.80 16.67 -11.75
CA LEU C 330 6.47 17.61 -10.66
C LEU C 330 7.07 17.10 -9.33
N LEU C 331 6.96 15.79 -9.06
CA LEU C 331 7.55 15.16 -7.84
C LEU C 331 9.08 15.33 -7.89
N TYR C 332 9.69 15.09 -9.04
CA TYR C 332 11.16 15.20 -9.20
C TYR C 332 11.57 16.63 -8.88
N LEU C 333 10.87 17.60 -9.45
CA LEU C 333 11.26 19.04 -9.37
C LEU C 333 11.08 19.56 -7.94
N ILE C 334 10.06 19.08 -7.23
CA ILE C 334 9.72 19.58 -5.86
C ILE C 334 10.60 18.89 -4.80
N PHE C 335 10.74 17.56 -4.89
CA PHE C 335 11.27 16.74 -3.77
C PHE C 335 12.74 16.40 -3.97
N SER C 336 13.31 16.65 -5.14
CA SER C 336 14.72 16.28 -5.44
C SER C 336 15.60 17.00 -4.42
N SER C 337 16.58 16.28 -3.91
CA SER C 337 17.51 16.78 -2.87
C SER C 337 18.86 16.89 -3.56
N THR C 338 18.93 17.71 -4.63
CA THR C 338 20.05 17.68 -5.62
C THR C 338 20.94 18.94 -5.52
N SER C 339 22.00 18.94 -6.33
CA SER C 339 22.97 20.06 -6.52
C SER C 339 23.42 20.18 -7.98
N SER C 340 23.41 19.06 -8.74
CA SER C 340 24.09 18.95 -10.06
C SER C 340 23.09 18.89 -11.22
N ALA C 341 23.44 19.64 -12.26
CA ALA C 341 22.91 19.57 -13.64
C ALA C 341 23.01 18.14 -14.20
N TRP C 342 24.13 17.45 -13.94
CA TRP C 342 24.47 16.11 -14.50
C TRP C 342 23.48 15.05 -14.01
N SER C 343 22.89 15.28 -12.85
CA SER C 343 22.00 14.34 -12.14
C SER C 343 20.58 14.34 -12.73
N HIS C 344 20.17 15.43 -13.39
CA HIS C 344 18.84 15.62 -14.00
C HIS C 344 18.60 14.68 -15.18
N PRO C 345 17.34 14.25 -15.44
CA PRO C 345 17.04 13.42 -16.60
C PRO C 345 17.37 14.21 -17.88
N GLN C 346 18.10 13.61 -18.82
CA GLN C 346 18.67 14.27 -20.02
C GLN C 346 18.91 13.21 -21.09
N PHE C 347 17.85 12.47 -21.45
CA PHE C 347 17.83 11.38 -22.46
C PHE C 347 17.48 11.98 -23.84
#